data_2LEV
#
_entry.id   2LEV
#
loop_
_entity.id
_entity.type
_entity.pdbx_description
1 polymer Ler
2 polymer "DNA (5'-D(*GP*CP*GP*AP*TP*AP*AP*TP*TP*GP*AP*TP*AP*GP*G)-3')"
3 polymer "DNA (5'-D(*CP*CP*TP*AP*TP*CP*AP*AP*TP*TP*AP*TP*CP*GP*C)-3')"
#
loop_
_entity_poly.entity_id
_entity_poly.type
_entity_poly.pdbx_seq_one_letter_code
_entity_poly.pdbx_strand_id
1 'polypeptide(L)' SHHHHHHSMGNSSKGVYYRNEEGQTWSGVGRQPRWLKEALLNGMKKEDFLVKDTEEE A
2 'polydeoxyribonucleotide' (DG)(DC)(DG)(DA)(DT)(DA)(DA)(DT)(DT)(DG)(DA)(DT)(DA)(DG)(DG) B
3 'polydeoxyribonucleotide' (DC)(DC)(DT)(DA)(DT)(DC)(DA)(DA)(DT)(DT)(DA)(DT)(DC)(DG)(DC) C
#
# COMPACT_ATOMS: atom_id res chain seq x y z
N SER A 1 2.64 -2.97 -23.86
CA SER A 1 2.38 -3.81 -22.68
C SER A 1 2.75 -3.05 -21.41
N HIS A 2 2.02 -3.29 -20.33
CA HIS A 2 2.31 -2.63 -19.06
C HIS A 2 3.41 -3.38 -18.33
N HIS A 3 4.66 -3.07 -18.67
CA HIS A 3 5.80 -3.72 -18.05
C HIS A 3 6.37 -2.88 -16.92
N HIS A 4 5.81 -3.08 -15.73
CA HIS A 4 6.23 -2.37 -14.54
C HIS A 4 5.95 -3.20 -13.31
N HIS A 5 6.50 -2.78 -12.17
CA HIS A 5 6.30 -3.49 -10.91
C HIS A 5 4.84 -3.39 -10.51
N HIS A 6 4.36 -2.15 -10.43
CA HIS A 6 2.97 -1.85 -10.08
C HIS A 6 2.64 -2.17 -8.62
N HIS A 7 3.56 -2.87 -7.94
CA HIS A 7 3.42 -3.27 -6.52
C HIS A 7 2.03 -3.79 -6.17
N SER A 8 1.38 -4.45 -7.12
CA SER A 8 0.05 -4.98 -6.86
C SER A 8 0.10 -6.48 -6.57
N MET A 9 0.56 -7.25 -7.56
CA MET A 9 0.66 -8.71 -7.49
C MET A 9 -0.69 -9.37 -7.14
N GLY A 10 -0.70 -10.68 -7.11
CA GLY A 10 -1.92 -11.40 -6.79
C GLY A 10 -1.87 -11.95 -5.38
N ASN A 11 -2.17 -11.11 -4.41
CA ASN A 11 -2.13 -11.52 -3.01
C ASN A 11 -3.30 -10.92 -2.25
N SER A 12 -3.90 -11.71 -1.38
CA SER A 12 -5.04 -11.27 -0.57
C SER A 12 -5.09 -12.03 0.76
N SER A 13 -4.81 -13.33 0.71
CA SER A 13 -4.83 -14.15 1.91
C SER A 13 -3.50 -14.09 2.65
N LYS A 14 -3.12 -12.88 3.04
CA LYS A 14 -1.87 -12.65 3.76
C LYS A 14 -1.93 -11.29 4.43
N GLY A 15 -0.84 -10.91 5.08
CA GLY A 15 -0.78 -9.62 5.72
C GLY A 15 -0.72 -8.48 4.71
N VAL A 16 -1.87 -8.17 4.14
CA VAL A 16 -1.98 -7.10 3.15
C VAL A 16 -2.32 -5.79 3.85
N TYR A 17 -1.60 -4.72 3.51
CA TYR A 17 -1.84 -3.43 4.12
C TYR A 17 -1.38 -2.27 3.23
N TYR A 18 -1.84 -1.07 3.57
CA TYR A 18 -1.48 0.12 2.83
C TYR A 18 -0.46 0.91 3.65
N ARG A 19 0.61 1.37 3.01
CA ARG A 19 1.63 2.12 3.73
C ARG A 19 1.99 3.39 2.98
N ASN A 20 1.92 4.52 3.67
CA ASN A 20 2.24 5.81 3.06
C ASN A 20 3.53 6.37 3.67
N GLU A 21 3.93 7.56 3.22
CA GLU A 21 5.15 8.20 3.70
C GLU A 21 5.15 8.41 5.22
N GLU A 22 3.97 8.48 5.83
CA GLU A 22 3.87 8.66 7.27
C GLU A 22 4.31 7.39 8.01
N GLY A 23 4.41 6.29 7.27
CA GLY A 23 4.82 5.03 7.84
C GLY A 23 3.63 4.26 8.38
N GLN A 24 2.50 4.94 8.50
CA GLN A 24 1.27 4.34 9.01
C GLN A 24 0.76 3.28 8.04
N THR A 25 0.11 2.26 8.57
CA THR A 25 -0.41 1.18 7.75
C THR A 25 -1.89 0.93 8.01
N TRP A 26 -2.61 0.53 6.97
CA TRP A 26 -4.02 0.22 7.06
C TRP A 26 -4.25 -1.24 6.66
N SER A 27 -5.02 -1.97 7.46
CA SER A 27 -5.28 -3.39 7.20
C SER A 27 -6.07 -3.61 5.90
N GLY A 28 -6.85 -2.62 5.48
CA GLY A 28 -7.62 -2.76 4.26
C GLY A 28 -9.05 -3.18 4.53
N VAL A 29 -9.32 -3.54 5.78
CA VAL A 29 -10.64 -3.98 6.18
C VAL A 29 -11.30 -2.90 7.04
N GLY A 30 -12.62 -2.92 7.13
CA GLY A 30 -13.33 -1.94 7.92
C GLY A 30 -13.37 -0.59 7.28
N ARG A 31 -12.62 0.34 7.85
CA ARG A 31 -12.55 1.70 7.33
C ARG A 31 -11.10 2.14 7.26
N GLN A 32 -10.79 3.01 6.32
CA GLN A 32 -9.42 3.50 6.13
C GLN A 32 -9.10 4.64 7.08
N PRO A 33 -7.82 4.85 7.40
CA PRO A 33 -7.41 5.94 8.29
C PRO A 33 -7.50 7.30 7.58
N ARG A 34 -7.41 8.37 8.36
CA ARG A 34 -7.52 9.73 7.82
C ARG A 34 -6.47 10.03 6.75
N TRP A 35 -5.29 9.43 6.85
CA TRP A 35 -4.22 9.68 5.88
C TRP A 35 -4.50 9.00 4.54
N LEU A 36 -5.35 7.98 4.54
CA LEU A 36 -5.68 7.28 3.30
C LEU A 36 -6.42 8.24 2.38
N LYS A 37 -7.35 8.97 2.96
CA LYS A 37 -8.13 9.94 2.23
C LYS A 37 -7.23 11.03 1.66
N GLU A 38 -6.28 11.47 2.48
CA GLU A 38 -5.35 12.50 2.07
C GLU A 38 -4.44 12.02 0.96
N ALA A 39 -3.93 10.79 1.09
CA ALA A 39 -3.06 10.20 0.09
C ALA A 39 -3.81 9.99 -1.22
N LEU A 40 -5.10 9.69 -1.11
CA LEU A 40 -5.94 9.46 -2.27
C LEU A 40 -6.13 10.75 -3.08
N LEU A 41 -6.43 11.85 -2.38
CA LEU A 41 -6.62 13.13 -3.04
C LEU A 41 -5.29 13.79 -3.38
N ASN A 42 -4.20 13.19 -2.91
CA ASN A 42 -2.87 13.72 -3.16
C ASN A 42 -2.48 13.54 -4.62
N GLY A 43 -3.27 12.75 -5.34
CA GLY A 43 -3.00 12.51 -6.75
C GLY A 43 -2.53 11.11 -7.05
N MET A 44 -2.66 10.23 -6.09
CA MET A 44 -2.23 8.84 -6.28
C MET A 44 -3.28 7.89 -5.73
N LYS A 45 -3.48 6.77 -6.42
CA LYS A 45 -4.43 5.77 -5.98
C LYS A 45 -3.87 5.04 -4.76
N LYS A 46 -4.76 4.58 -3.88
CA LYS A 46 -4.35 3.87 -2.67
C LYS A 46 -3.55 2.62 -3.02
N GLU A 47 -3.87 2.03 -4.17
CA GLU A 47 -3.19 0.83 -4.64
C GLU A 47 -1.71 1.10 -4.92
N ASP A 48 -1.39 2.36 -5.21
CA ASP A 48 -0.01 2.75 -5.52
C ASP A 48 0.91 2.62 -4.31
N PHE A 49 0.35 2.47 -3.12
CA PHE A 49 1.16 2.31 -1.92
C PHE A 49 0.67 1.09 -1.13
N LEU A 50 0.21 0.09 -1.87
CA LEU A 50 -0.29 -1.16 -1.28
C LEU A 50 0.85 -2.16 -1.13
N VAL A 51 1.30 -2.36 0.09
CA VAL A 51 2.39 -3.29 0.37
C VAL A 51 1.87 -4.48 1.18
N LYS A 52 2.28 -5.67 0.79
CA LYS A 52 1.83 -6.89 1.47
C LYS A 52 2.95 -7.50 2.28
N ASP A 53 2.63 -8.54 3.04
CA ASP A 53 3.60 -9.25 3.86
C ASP A 53 4.76 -9.72 2.99
N THR A 54 4.44 -10.02 1.74
CA THR A 54 5.43 -10.44 0.77
C THR A 54 5.72 -9.24 -0.15
N GLU A 55 6.93 -9.19 -0.71
CA GLU A 55 7.36 -8.10 -1.59
C GLU A 55 7.33 -6.76 -0.82
N GLU A 56 7.53 -6.86 0.49
CA GLU A 56 7.51 -5.69 1.36
C GLU A 56 8.87 -5.00 1.38
N GLU A 57 8.86 -3.70 1.63
CA GLU A 57 10.09 -2.91 1.70
C GLU A 57 10.50 -2.72 3.15
N SER A 1 9.46 -6.82 -20.72
CA SER A 1 9.30 -7.42 -19.38
C SER A 1 9.37 -6.34 -18.31
N HIS A 2 8.31 -6.19 -17.54
CA HIS A 2 8.26 -5.19 -16.47
C HIS A 2 8.86 -5.76 -15.20
N HIS A 3 10.18 -5.70 -15.08
CA HIS A 3 10.86 -6.21 -13.90
C HIS A 3 10.94 -5.12 -12.83
N HIS A 4 9.97 -5.15 -11.94
CA HIS A 4 9.90 -4.18 -10.85
C HIS A 4 9.26 -4.85 -9.64
N HIS A 5 10.01 -4.92 -8.54
CA HIS A 5 9.51 -5.55 -7.32
C HIS A 5 8.19 -4.95 -6.88
N HIS A 6 8.15 -3.61 -6.80
CA HIS A 6 6.96 -2.87 -6.40
C HIS A 6 6.55 -3.21 -4.96
N HIS A 7 7.42 -3.99 -4.28
CA HIS A 7 7.22 -4.45 -2.90
C HIS A 7 5.79 -4.93 -2.65
N SER A 8 5.20 -5.55 -3.65
CA SER A 8 3.84 -6.05 -3.55
C SER A 8 3.82 -7.55 -3.26
N MET A 9 4.42 -8.32 -4.19
CA MET A 9 4.50 -9.80 -4.10
C MET A 9 3.14 -10.44 -3.80
N GLY A 10 3.16 -11.73 -3.47
CA GLY A 10 1.93 -12.44 -3.17
C GLY A 10 1.87 -12.87 -1.72
N ASN A 11 1.35 -12.00 -0.87
CA ASN A 11 1.23 -12.31 0.55
C ASN A 11 0.03 -11.58 1.15
N SER A 12 -0.87 -12.34 1.74
CA SER A 12 -2.06 -11.79 2.36
C SER A 12 -2.42 -12.55 3.63
N SER A 13 -1.54 -13.45 4.05
CA SER A 13 -1.77 -14.25 5.24
C SER A 13 -0.85 -13.81 6.38
N LYS A 14 -0.24 -12.66 6.22
CA LYS A 14 0.67 -12.11 7.22
C LYS A 14 0.36 -10.64 7.42
N GLY A 15 1.15 -9.98 8.27
CA GLY A 15 0.97 -8.57 8.53
C GLY A 15 1.11 -7.73 7.28
N VAL A 16 0.00 -7.41 6.66
CA VAL A 16 -0.02 -6.60 5.46
C VAL A 16 -0.68 -5.26 5.77
N TYR A 17 -0.04 -4.17 5.40
CA TYR A 17 -0.60 -2.85 5.67
C TYR A 17 -0.06 -1.81 4.70
N TYR A 18 -0.71 -0.65 4.69
CA TYR A 18 -0.32 0.44 3.83
C TYR A 18 0.37 1.52 4.66
N ARG A 19 1.40 2.15 4.11
CA ARG A 19 2.12 3.18 4.84
C ARG A 19 2.65 4.25 3.88
N ASN A 20 2.39 5.50 4.21
CA ASN A 20 2.84 6.61 3.39
C ASN A 20 3.90 7.41 4.15
N GLU A 21 4.34 8.52 3.56
CA GLU A 21 5.37 9.39 4.16
C GLU A 21 4.98 9.85 5.58
N GLU A 22 3.70 9.83 5.90
CA GLU A 22 3.23 10.24 7.22
C GLU A 22 3.65 9.23 8.28
N GLY A 23 4.00 8.02 7.86
CA GLY A 23 4.41 6.99 8.80
C GLY A 23 3.25 6.24 9.40
N GLN A 24 2.04 6.61 9.01
CA GLN A 24 0.84 5.95 9.51
C GLN A 24 0.62 4.64 8.74
N THR A 25 -0.10 3.69 9.35
CA THR A 25 -0.31 2.40 8.71
C THR A 25 -1.79 1.99 8.69
N TRP A 26 -2.21 1.40 7.58
CA TRP A 26 -3.58 0.92 7.42
C TRP A 26 -3.57 -0.59 7.18
N SER A 27 -4.29 -1.33 8.00
CA SER A 27 -4.34 -2.78 7.88
C SER A 27 -5.00 -3.21 6.56
N GLY A 28 -5.92 -2.39 6.07
CA GLY A 28 -6.60 -2.71 4.83
C GLY A 28 -7.97 -3.31 5.05
N VAL A 29 -8.43 -3.29 6.29
CA VAL A 29 -9.72 -3.84 6.64
C VAL A 29 -10.67 -2.74 7.12
N GLY A 30 -11.96 -3.02 7.01
CA GLY A 30 -12.97 -2.09 7.46
C GLY A 30 -13.01 -0.81 6.65
N ARG A 31 -12.58 0.28 7.26
CA ARG A 31 -12.57 1.57 6.62
C ARG A 31 -11.16 2.11 6.51
N GLN A 32 -10.87 2.80 5.42
CA GLN A 32 -9.56 3.38 5.21
C GLN A 32 -9.42 4.70 5.95
N PRO A 33 -8.22 4.99 6.49
CA PRO A 33 -7.96 6.22 7.23
C PRO A 33 -8.01 7.45 6.32
N ARG A 34 -8.07 8.61 6.94
CA ARG A 34 -8.14 9.88 6.22
C ARG A 34 -6.91 10.09 5.32
N TRP A 35 -5.74 9.61 5.75
CA TRP A 35 -4.51 9.80 4.98
C TRP A 35 -4.47 8.89 3.74
N LEU A 36 -5.29 7.85 3.73
CA LEU A 36 -5.32 6.93 2.59
C LEU A 36 -5.82 7.69 1.36
N LYS A 37 -6.79 8.58 1.59
CA LYS A 37 -7.35 9.39 0.53
C LYS A 37 -6.30 10.34 -0.04
N GLU A 38 -5.54 10.97 0.87
CA GLU A 38 -4.51 11.93 0.50
C GLU A 38 -3.46 11.29 -0.42
N ALA A 39 -3.03 10.09 -0.06
CA ALA A 39 -2.04 9.37 -0.86
C ALA A 39 -2.65 8.90 -2.18
N LEU A 40 -3.93 8.56 -2.14
CA LEU A 40 -4.63 8.08 -3.33
C LEU A 40 -4.76 9.21 -4.37
N LEU A 41 -5.16 10.38 -3.91
CA LEU A 41 -5.34 11.53 -4.80
C LEU A 41 -4.01 12.14 -5.22
N ASN A 42 -2.93 11.66 -4.62
CA ASN A 42 -1.59 12.15 -4.93
C ASN A 42 -1.18 11.77 -6.35
N GLY A 43 -1.88 10.77 -6.90
CA GLY A 43 -1.60 10.33 -8.24
C GLY A 43 -1.03 8.93 -8.28
N MET A 44 -0.89 8.32 -7.12
CA MET A 44 -0.37 6.97 -7.04
C MET A 44 -1.42 6.04 -6.43
N LYS A 45 -1.32 4.76 -6.72
CA LYS A 45 -2.26 3.80 -6.19
C LYS A 45 -1.86 3.41 -4.77
N LYS A 46 -2.83 3.03 -3.96
CA LYS A 46 -2.55 2.65 -2.58
C LYS A 46 -1.57 1.48 -2.53
N GLU A 47 -1.63 0.64 -3.55
CA GLU A 47 -0.76 -0.52 -3.65
C GLU A 47 0.71 -0.13 -3.79
N ASP A 48 0.94 1.07 -4.33
CA ASP A 48 2.30 1.57 -4.56
C ASP A 48 3.06 1.75 -3.25
N PHE A 49 2.34 1.95 -2.15
CA PHE A 49 2.98 2.11 -0.85
C PHE A 49 2.59 0.99 0.10
N LEU A 50 2.37 -0.20 -0.47
CA LEU A 50 2.00 -1.36 0.31
C LEU A 50 3.23 -1.95 1.00
N VAL A 51 3.25 -1.91 2.32
CA VAL A 51 4.35 -2.45 3.09
C VAL A 51 3.86 -3.61 3.95
N LYS A 52 4.45 -4.76 3.74
CA LYS A 52 4.04 -5.96 4.47
C LYS A 52 5.16 -6.44 5.37
N ASP A 53 4.85 -7.45 6.18
CA ASP A 53 5.83 -8.05 7.09
C ASP A 53 7.03 -8.55 6.28
N THR A 54 6.76 -8.85 5.01
CA THR A 54 7.80 -9.29 4.09
C THR A 54 8.20 -8.09 3.22
N GLU A 55 9.50 -7.93 3.02
CA GLU A 55 10.07 -6.81 2.27
C GLU A 55 9.64 -5.49 2.91
N GLU A 56 10.00 -5.31 4.17
CA GLU A 56 9.64 -4.08 4.86
C GLU A 56 10.66 -3.00 4.55
N GLU A 57 10.18 -1.76 4.46
CA GLU A 57 11.06 -0.65 4.17
C GLU A 57 11.38 0.11 5.44
N SER A 1 7.44 -5.72 -21.83
CA SER A 1 7.53 -4.89 -20.60
C SER A 1 8.94 -4.94 -20.02
N HIS A 2 9.56 -3.78 -19.85
CA HIS A 2 10.91 -3.71 -19.30
C HIS A 2 10.88 -3.09 -17.90
N HIS A 3 11.74 -3.62 -17.03
CA HIS A 3 11.84 -3.16 -15.64
C HIS A 3 10.57 -3.44 -14.86
N HIS A 4 10.51 -4.62 -14.26
CA HIS A 4 9.35 -5.03 -13.47
C HIS A 4 9.40 -4.40 -12.09
N HIS A 5 8.26 -3.92 -11.63
CA HIS A 5 8.17 -3.29 -10.30
C HIS A 5 8.41 -4.33 -9.21
N HIS A 6 9.12 -3.92 -8.16
CA HIS A 6 9.42 -4.80 -7.03
C HIS A 6 8.12 -5.31 -6.39
N HIS A 7 7.80 -6.57 -6.65
CA HIS A 7 6.60 -7.18 -6.13
C HIS A 7 6.93 -8.58 -5.59
N SER A 8 7.48 -8.62 -4.40
CA SER A 8 7.87 -9.87 -3.75
C SER A 8 6.66 -10.72 -3.38
N MET A 9 5.78 -10.17 -2.53
CA MET A 9 4.59 -10.89 -2.09
C MET A 9 3.32 -10.21 -2.61
N GLY A 10 2.25 -10.98 -2.66
CA GLY A 10 0.99 -10.46 -3.13
C GLY A 10 0.08 -10.03 -2.00
N ASN A 11 -1.20 -9.83 -2.31
CA ASN A 11 -2.17 -9.41 -1.31
C ASN A 11 -2.83 -10.61 -0.64
N SER A 12 -2.51 -11.82 -1.10
CA SER A 12 -3.05 -13.05 -0.52
C SER A 12 -2.49 -13.22 0.89
N SER A 13 -1.36 -12.57 1.09
CA SER A 13 -0.64 -12.54 2.35
C SER A 13 -1.52 -11.99 3.46
N LYS A 14 -1.35 -12.52 4.68
CA LYS A 14 -2.10 -12.07 5.85
C LYS A 14 -1.97 -10.54 6.03
N GLY A 15 -2.47 -10.02 7.15
CA GLY A 15 -2.52 -8.58 7.39
C GLY A 15 -1.36 -7.78 6.81
N VAL A 16 -1.72 -6.93 5.88
CA VAL A 16 -0.79 -6.05 5.19
C VAL A 16 -0.98 -4.64 5.70
N TYR A 17 -0.11 -3.73 5.32
CA TYR A 17 -0.25 -2.35 5.76
C TYR A 17 0.15 -1.37 4.67
N TYR A 18 -0.73 -0.41 4.44
CA TYR A 18 -0.45 0.64 3.47
C TYR A 18 0.31 1.72 4.21
N ARG A 19 1.48 2.09 3.72
CA ARG A 19 2.28 3.10 4.41
C ARG A 19 2.42 4.37 3.59
N ASN A 20 2.39 5.51 4.28
CA ASN A 20 2.50 6.80 3.62
C ASN A 20 3.62 7.64 4.26
N GLU A 21 3.80 8.86 3.77
CA GLU A 21 4.84 9.76 4.27
C GLU A 21 4.71 10.06 5.76
N GLU A 22 3.50 9.97 6.30
CA GLU A 22 3.28 10.24 7.71
C GLU A 22 3.78 9.09 8.58
N GLY A 23 4.03 7.93 7.96
CA GLY A 23 4.51 6.78 8.71
C GLY A 23 3.38 5.91 9.21
N GLN A 24 2.15 6.40 9.09
CA GLN A 24 0.97 5.66 9.53
C GLN A 24 0.68 4.52 8.56
N THR A 25 -0.09 3.53 9.00
CA THR A 25 -0.40 2.38 8.16
C THR A 25 -1.88 1.98 8.22
N TRP A 26 -2.30 1.25 7.19
CA TRP A 26 -3.68 0.75 7.09
C TRP A 26 -3.67 -0.73 6.73
N SER A 27 -4.41 -1.55 7.47
CA SER A 27 -4.45 -2.99 7.20
C SER A 27 -5.35 -3.35 6.03
N GLY A 28 -6.25 -2.45 5.65
CA GLY A 28 -7.12 -2.71 4.53
C GLY A 28 -8.51 -3.17 4.96
N VAL A 29 -8.82 -2.97 6.23
CA VAL A 29 -10.11 -3.37 6.78
C VAL A 29 -10.74 -2.17 7.48
N GLY A 30 -12.07 -2.24 7.69
CA GLY A 30 -12.81 -1.19 8.39
C GLY A 30 -12.44 0.20 7.99
N ARG A 31 -13.24 0.80 7.10
CA ARG A 31 -13.02 2.17 6.64
C ARG A 31 -11.53 2.43 6.32
N GLN A 32 -11.16 3.70 6.25
CA GLN A 32 -9.78 4.05 5.95
C GLN A 32 -9.29 5.19 6.83
N PRO A 33 -7.98 5.28 7.08
CA PRO A 33 -7.43 6.36 7.88
C PRO A 33 -7.51 7.69 7.13
N ARG A 34 -7.49 8.79 7.87
CA ARG A 34 -7.60 10.12 7.28
C ARG A 34 -6.53 10.41 6.22
N TRP A 35 -5.39 9.74 6.31
CA TRP A 35 -4.31 9.97 5.35
C TRP A 35 -4.47 9.16 4.06
N LEU A 36 -5.35 8.17 4.08
CA LEU A 36 -5.56 7.31 2.92
C LEU A 36 -6.04 8.11 1.71
N LYS A 37 -6.98 9.01 1.95
CA LYS A 37 -7.53 9.85 0.88
C LYS A 37 -6.49 10.81 0.33
N GLU A 38 -5.57 11.25 1.19
CA GLU A 38 -4.53 12.20 0.78
C GLU A 38 -3.61 11.57 -0.26
N ALA A 39 -3.19 10.33 0.01
CA ALA A 39 -2.32 9.61 -0.90
C ALA A 39 -3.08 9.19 -2.16
N LEU A 40 -4.38 8.97 -2.01
CA LEU A 40 -5.22 8.56 -3.13
C LEU A 40 -5.41 9.72 -4.11
N LEU A 41 -5.65 10.92 -3.58
CA LEU A 41 -5.86 12.10 -4.42
C LEU A 41 -4.53 12.60 -4.98
N ASN A 42 -3.42 12.01 -4.53
CA ASN A 42 -2.10 12.40 -5.00
C ASN A 42 -1.86 11.91 -6.43
N GLY A 43 -2.85 11.21 -6.99
CA GLY A 43 -2.74 10.71 -8.35
C GLY A 43 -2.10 9.35 -8.43
N MET A 44 -1.91 8.70 -7.30
CA MET A 44 -1.30 7.38 -7.27
C MET A 44 -2.28 6.35 -6.73
N LYS A 45 -2.02 5.09 -6.99
CA LYS A 45 -2.88 4.01 -6.53
C LYS A 45 -2.47 3.58 -5.13
N LYS A 46 -3.40 3.04 -4.35
CA LYS A 46 -3.08 2.59 -3.00
C LYS A 46 -2.11 1.40 -3.06
N GLU A 47 -2.18 0.65 -4.15
CA GLU A 47 -1.30 -0.50 -4.37
C GLU A 47 0.16 -0.08 -4.41
N ASP A 48 0.40 1.18 -4.81
CA ASP A 48 1.76 1.72 -4.92
C ASP A 48 2.53 1.59 -3.61
N PHE A 49 1.85 1.90 -2.52
CA PHE A 49 2.45 1.84 -1.19
C PHE A 49 1.87 0.69 -0.37
N LEU A 50 1.60 -0.41 -1.05
CA LEU A 50 1.02 -1.59 -0.41
C LEU A 50 2.10 -2.50 0.15
N VAL A 51 2.35 -2.40 1.44
CA VAL A 51 3.33 -3.24 2.10
C VAL A 51 2.60 -4.37 2.82
N LYS A 52 3.28 -5.48 3.07
CA LYS A 52 2.66 -6.62 3.72
C LYS A 52 3.28 -6.82 5.09
N ASP A 53 2.71 -7.72 5.91
CA ASP A 53 3.29 -8.01 7.23
C ASP A 53 4.77 -8.38 7.08
N THR A 54 5.09 -8.97 5.94
CA THR A 54 6.46 -9.34 5.62
C THR A 54 7.02 -8.30 4.64
N GLU A 55 8.35 -8.17 4.58
CA GLU A 55 9.03 -7.22 3.70
C GLU A 55 8.45 -5.81 3.83
N GLU A 56 8.29 -5.37 5.07
CA GLU A 56 7.75 -4.06 5.38
C GLU A 56 8.85 -3.01 5.37
N GLU A 57 8.47 -1.77 5.05
CA GLU A 57 9.41 -0.66 5.01
C GLU A 57 9.96 -0.39 6.41
N SER A 1 2.74 -1.97 -23.99
CA SER A 1 2.57 -2.94 -22.89
C SER A 1 2.87 -2.29 -21.55
N HIS A 2 2.09 -2.64 -20.53
CA HIS A 2 2.28 -2.08 -19.21
C HIS A 2 3.46 -2.77 -18.52
N HIS A 3 4.62 -2.14 -18.59
CA HIS A 3 5.83 -2.70 -17.99
C HIS A 3 6.25 -1.88 -16.78
N HIS A 4 5.26 -1.47 -16.00
CA HIS A 4 5.51 -0.70 -14.80
C HIS A 4 5.46 -1.63 -13.59
N HIS A 5 6.36 -1.43 -12.64
CA HIS A 5 6.41 -2.26 -11.44
C HIS A 5 5.10 -2.19 -10.67
N HIS A 6 4.84 -1.03 -10.06
CA HIS A 6 3.62 -0.80 -9.28
C HIS A 6 3.59 -1.62 -7.99
N HIS A 7 4.53 -2.56 -7.87
CA HIS A 7 4.65 -3.44 -6.69
C HIS A 7 3.30 -3.96 -6.21
N SER A 8 2.50 -4.47 -7.15
CA SER A 8 1.19 -5.00 -6.83
C SER A 8 1.25 -6.52 -6.63
N MET A 9 1.65 -7.24 -7.68
CA MET A 9 1.75 -8.71 -7.67
C MET A 9 0.48 -9.37 -7.11
N GLY A 10 0.58 -10.66 -6.78
CA GLY A 10 -0.56 -11.37 -6.23
C GLY A 10 -0.28 -11.89 -4.84
N ASN A 11 -0.60 -11.10 -3.83
CA ASN A 11 -0.37 -11.49 -2.44
C ASN A 11 -1.40 -10.87 -1.52
N SER A 12 -2.18 -11.71 -0.86
CA SER A 12 -3.20 -11.25 0.07
C SER A 12 -3.33 -12.20 1.27
N SER A 13 -2.57 -13.29 1.24
CA SER A 13 -2.61 -14.27 2.32
C SER A 13 -1.50 -13.99 3.35
N LYS A 14 -0.93 -12.81 3.26
CA LYS A 14 0.13 -12.40 4.17
C LYS A 14 -0.16 -11.00 4.68
N GLY A 15 0.75 -10.46 5.47
CA GLY A 15 0.57 -9.12 6.01
C GLY A 15 0.56 -8.06 4.95
N VAL A 16 -0.62 -7.81 4.38
CA VAL A 16 -0.79 -6.80 3.35
C VAL A 16 -1.20 -5.49 4.00
N TYR A 17 -0.54 -4.40 3.62
CA TYR A 17 -0.85 -3.11 4.19
C TYR A 17 -0.51 -1.97 3.22
N TYR A 18 -0.97 -0.78 3.58
CA TYR A 18 -0.71 0.42 2.81
C TYR A 18 0.22 1.33 3.60
N ARG A 19 1.04 2.11 2.93
CA ARG A 19 1.95 3.01 3.62
C ARG A 19 2.12 4.32 2.85
N ASN A 20 2.15 5.42 3.58
CA ASN A 20 2.32 6.72 2.96
C ASN A 20 3.62 7.36 3.43
N GLU A 21 3.90 8.57 2.94
CA GLU A 21 5.14 9.29 3.28
C GLU A 21 5.33 9.46 4.79
N GLU A 22 4.24 9.50 5.54
CA GLU A 22 4.32 9.65 6.99
C GLU A 22 4.85 8.40 7.67
N GLY A 23 4.84 7.29 6.94
CA GLY A 23 5.32 6.03 7.48
C GLY A 23 4.22 5.21 8.09
N GLN A 24 3.04 5.82 8.25
CA GLN A 24 1.89 5.14 8.82
C GLN A 24 1.42 4.01 7.91
N THR A 25 0.94 2.92 8.50
CA THR A 25 0.49 1.77 7.74
C THR A 25 -0.99 1.44 8.00
N TRP A 26 -1.66 0.92 6.97
CA TRP A 26 -3.08 0.53 7.08
C TRP A 26 -3.27 -0.90 6.60
N SER A 27 -4.01 -1.70 7.36
CA SER A 27 -4.25 -3.10 7.01
C SER A 27 -5.16 -3.23 5.78
N GLY A 28 -6.04 -2.26 5.58
CA GLY A 28 -6.93 -2.31 4.43
C GLY A 28 -8.27 -2.95 4.77
N VAL A 29 -8.59 -2.98 6.05
CA VAL A 29 -9.85 -3.56 6.52
C VAL A 29 -10.65 -2.52 7.30
N GLY A 30 -11.98 -2.59 7.17
CA GLY A 30 -12.85 -1.67 7.88
C GLY A 30 -12.73 -0.24 7.42
N ARG A 31 -12.41 0.65 8.36
CA ARG A 31 -12.27 2.06 8.07
C ARG A 31 -10.86 2.38 7.61
N GLN A 32 -10.70 3.50 6.94
CA GLN A 32 -9.40 3.94 6.45
C GLN A 32 -8.91 5.13 7.25
N PRO A 33 -7.59 5.23 7.49
CA PRO A 33 -7.02 6.36 8.22
C PRO A 33 -7.13 7.65 7.42
N ARG A 34 -6.97 8.78 8.10
CA ARG A 34 -7.09 10.08 7.45
C ARG A 34 -6.08 10.24 6.31
N TRP A 35 -4.85 9.83 6.54
CA TRP A 35 -3.79 9.95 5.52
C TRP A 35 -4.12 9.13 4.27
N LEU A 36 -4.91 8.08 4.42
CA LEU A 36 -5.28 7.25 3.29
C LEU A 36 -6.14 8.04 2.33
N LYS A 37 -7.20 8.63 2.84
CA LYS A 37 -8.11 9.44 2.03
C LYS A 37 -7.37 10.64 1.45
N GLU A 38 -6.49 11.22 2.26
CA GLU A 38 -5.71 12.38 1.83
C GLU A 38 -4.76 12.02 0.69
N ALA A 39 -4.19 10.82 0.76
CA ALA A 39 -3.28 10.36 -0.28
C ALA A 39 -4.05 9.97 -1.53
N LEU A 40 -5.25 9.45 -1.35
CA LEU A 40 -6.09 9.04 -2.47
C LEU A 40 -6.51 10.26 -3.31
N LEU A 41 -6.97 11.30 -2.64
CA LEU A 41 -7.41 12.51 -3.33
C LEU A 41 -6.23 13.32 -3.85
N ASN A 42 -5.02 12.89 -3.51
CA ASN A 42 -3.80 13.58 -3.93
C ASN A 42 -3.53 13.36 -5.43
N GLY A 43 -4.34 12.52 -6.06
CA GLY A 43 -4.16 12.25 -7.48
C GLY A 43 -3.54 10.91 -7.74
N MET A 44 -3.61 10.02 -6.76
CA MET A 44 -3.06 8.69 -6.90
C MET A 44 -3.90 7.68 -6.14
N LYS A 45 -3.99 6.47 -6.66
CA LYS A 45 -4.76 5.41 -6.02
C LYS A 45 -4.02 4.87 -4.80
N LYS A 46 -4.77 4.32 -3.85
CA LYS A 46 -4.17 3.78 -2.63
C LYS A 46 -3.26 2.60 -2.99
N GLU A 47 -3.60 1.93 -4.07
CA GLU A 47 -2.84 0.78 -4.56
C GLU A 47 -1.42 1.19 -4.96
N ASP A 48 -1.26 2.46 -5.36
CA ASP A 48 0.05 2.96 -5.79
C ASP A 48 1.08 2.82 -4.68
N PHE A 49 0.65 3.06 -3.44
CA PHE A 49 1.54 2.96 -2.30
C PHE A 49 1.20 1.72 -1.46
N LEU A 50 0.80 0.66 -2.15
CA LEU A 50 0.45 -0.60 -1.50
C LEU A 50 1.72 -1.41 -1.25
N VAL A 51 2.12 -1.52 0.01
CA VAL A 51 3.31 -2.28 0.35
C VAL A 51 2.93 -3.49 1.21
N LYS A 52 3.00 -4.65 0.60
CA LYS A 52 2.68 -5.90 1.28
C LYS A 52 3.90 -6.40 2.03
N ASP A 53 3.72 -7.49 2.78
CA ASP A 53 4.82 -8.09 3.52
C ASP A 53 5.96 -8.46 2.56
N THR A 54 5.62 -8.57 1.29
CA THR A 54 6.59 -8.86 0.25
C THR A 54 6.76 -7.63 -0.62
N GLU A 55 7.95 -7.43 -1.19
CA GLU A 55 8.24 -6.25 -2.01
C GLU A 55 8.19 -5.00 -1.13
N GLU A 56 8.56 -5.17 0.13
CA GLU A 56 8.53 -4.10 1.10
C GLU A 56 9.79 -3.25 1.04
N GLU A 57 9.64 -1.97 1.36
CA GLU A 57 10.76 -1.05 1.35
C GLU A 57 11.36 -0.93 2.75
N SER A 1 7.78 -4.33 -23.13
CA SER A 1 7.89 -4.08 -21.68
C SER A 1 9.30 -3.63 -21.31
N HIS A 2 9.42 -2.83 -20.26
CA HIS A 2 10.72 -2.33 -19.81
C HIS A 2 10.65 -1.88 -18.35
N HIS A 3 11.69 -2.20 -17.59
CA HIS A 3 11.79 -1.83 -16.17
C HIS A 3 10.68 -2.46 -15.34
N HIS A 4 11.02 -3.52 -14.62
CA HIS A 4 10.07 -4.21 -13.78
C HIS A 4 9.91 -3.47 -12.45
N HIS A 5 8.68 -3.15 -12.09
CA HIS A 5 8.39 -2.45 -10.85
C HIS A 5 8.70 -3.35 -9.65
N HIS A 6 9.28 -2.77 -8.61
CA HIS A 6 9.63 -3.51 -7.40
C HIS A 6 8.37 -4.00 -6.69
N HIS A 7 8.07 -5.26 -6.87
CA HIS A 7 6.91 -5.89 -6.24
C HIS A 7 7.24 -7.35 -5.96
N SER A 8 7.44 -7.66 -4.68
CA SER A 8 7.80 -9.01 -4.25
C SER A 8 6.87 -10.07 -4.84
N MET A 9 5.58 -9.97 -4.53
CA MET A 9 4.58 -10.92 -5.01
C MET A 9 3.18 -10.42 -4.66
N GLY A 10 2.17 -11.02 -5.29
CA GLY A 10 0.80 -10.65 -4.98
C GLY A 10 0.46 -11.07 -3.57
N ASN A 11 -0.44 -10.37 -2.91
CA ASN A 11 -0.74 -10.73 -1.54
C ASN A 11 -2.21 -10.72 -1.18
N SER A 12 -2.85 -11.87 -1.36
CA SER A 12 -4.23 -12.04 -0.92
C SER A 12 -4.12 -12.47 0.54
N SER A 13 -2.86 -12.65 0.88
CA SER A 13 -2.33 -12.98 2.18
C SER A 13 -2.87 -12.08 3.27
N LYS A 14 -2.88 -12.60 4.49
CA LYS A 14 -3.37 -11.89 5.68
C LYS A 14 -2.81 -10.46 5.80
N GLY A 15 -3.08 -9.83 6.94
CA GLY A 15 -2.77 -8.43 7.17
C GLY A 15 -1.54 -7.85 6.47
N VAL A 16 -1.84 -6.89 5.61
CA VAL A 16 -0.86 -6.14 4.88
C VAL A 16 -0.83 -4.75 5.49
N TYR A 17 0.05 -3.88 5.03
CA TYR A 17 0.13 -2.56 5.61
C TYR A 17 0.41 -1.49 4.56
N TYR A 18 -0.52 -0.58 4.36
CA TYR A 18 -0.33 0.51 3.43
C TYR A 18 0.40 1.61 4.19
N ARG A 19 1.49 2.13 3.64
CA ARG A 19 2.26 3.15 4.35
C ARG A 19 2.33 4.45 3.58
N ASN A 20 2.64 5.52 4.31
CA ASN A 20 2.75 6.86 3.73
C ASN A 20 3.82 7.67 4.46
N GLU A 21 3.91 8.96 4.14
CA GLU A 21 4.88 9.87 4.74
C GLU A 21 4.77 9.94 6.26
N GLU A 22 3.55 9.79 6.78
CA GLU A 22 3.33 9.86 8.22
C GLU A 22 3.90 8.64 8.94
N GLY A 23 4.20 7.60 8.17
CA GLY A 23 4.77 6.39 8.75
C GLY A 23 3.72 5.39 9.21
N GLN A 24 2.49 5.88 9.40
CA GLN A 24 1.39 5.04 9.85
C GLN A 24 1.02 4.02 8.77
N THR A 25 0.34 2.95 9.18
CA THR A 25 -0.02 1.89 8.25
C THR A 25 -1.51 1.52 8.33
N TRP A 26 -2.03 1.03 7.21
CA TRP A 26 -3.42 0.60 7.11
C TRP A 26 -3.45 -0.88 6.73
N SER A 27 -4.17 -1.69 7.50
CA SER A 27 -4.24 -3.13 7.23
C SER A 27 -5.12 -3.44 6.02
N GLY A 28 -6.02 -2.52 5.67
CA GLY A 28 -6.88 -2.73 4.53
C GLY A 28 -8.28 -3.15 4.94
N VAL A 29 -8.56 -3.08 6.23
CA VAL A 29 -9.85 -3.46 6.77
C VAL A 29 -10.49 -2.27 7.48
N GLY A 30 -11.82 -2.31 7.66
CA GLY A 30 -12.55 -1.26 8.38
C GLY A 30 -12.17 0.14 8.01
N ARG A 31 -12.94 0.77 7.12
CA ARG A 31 -12.67 2.15 6.70
C ARG A 31 -11.19 2.42 6.41
N GLN A 32 -10.81 3.68 6.37
CA GLN A 32 -9.43 4.03 6.08
C GLN A 32 -8.95 5.16 6.99
N PRO A 33 -7.65 5.24 7.26
CA PRO A 33 -7.09 6.32 8.07
C PRO A 33 -7.15 7.64 7.30
N ARG A 34 -7.20 8.75 8.02
CA ARG A 34 -7.31 10.07 7.41
C ARG A 34 -6.21 10.37 6.38
N TRP A 35 -5.06 9.72 6.48
CA TRP A 35 -3.97 9.97 5.54
C TRP A 35 -4.09 9.15 4.25
N LEU A 36 -4.90 8.10 4.29
CA LEU A 36 -5.06 7.23 3.12
C LEU A 36 -5.64 8.03 1.96
N LYS A 37 -6.68 8.80 2.24
CA LYS A 37 -7.34 9.60 1.23
C LYS A 37 -6.37 10.64 0.64
N GLU A 38 -5.51 11.20 1.49
CA GLU A 38 -4.55 12.21 1.06
C GLU A 38 -3.59 11.62 0.02
N ALA A 39 -3.04 10.46 0.33
CA ALA A 39 -2.11 9.78 -0.56
C ALA A 39 -2.84 9.28 -1.81
N LEU A 40 -4.12 8.98 -1.66
CA LEU A 40 -4.93 8.51 -2.77
C LEU A 40 -5.21 9.63 -3.77
N LEU A 41 -5.58 10.81 -3.25
CA LEU A 41 -5.87 11.96 -4.10
C LEU A 41 -4.58 12.60 -4.61
N ASN A 42 -3.46 12.12 -4.09
CA ASN A 42 -2.14 12.63 -4.47
C ASN A 42 -1.85 12.30 -5.94
N GLY A 43 -2.58 11.34 -6.49
CA GLY A 43 -2.39 10.96 -7.87
C GLY A 43 -1.83 9.57 -8.02
N MET A 44 -1.99 8.74 -7.00
CA MET A 44 -1.51 7.37 -7.04
C MET A 44 -2.52 6.45 -6.36
N LYS A 45 -2.52 5.20 -6.76
CA LYS A 45 -3.43 4.20 -6.19
C LYS A 45 -2.86 3.69 -4.87
N LYS A 46 -3.72 3.18 -4.01
CA LYS A 46 -3.29 2.67 -2.71
C LYS A 46 -2.31 1.52 -2.89
N GLU A 47 -2.48 0.76 -3.98
CA GLU A 47 -1.61 -0.37 -4.27
C GLU A 47 -0.18 0.08 -4.55
N ASP A 48 -0.01 1.32 -5.01
CA ASP A 48 1.32 1.83 -5.31
C ASP A 48 2.19 1.92 -4.06
N PHE A 49 1.56 2.13 -2.92
CA PHE A 49 2.28 2.19 -1.65
C PHE A 49 1.84 1.06 -0.74
N LEU A 50 1.44 -0.04 -1.36
CA LEU A 50 0.99 -1.22 -0.63
C LEU A 50 2.16 -2.06 -0.13
N VAL A 51 2.24 -2.18 1.18
CA VAL A 51 3.25 -2.99 1.83
C VAL A 51 2.54 -4.17 2.49
N LYS A 52 3.25 -5.23 2.83
CA LYS A 52 2.61 -6.40 3.43
C LYS A 52 3.30 -6.76 4.73
N ASP A 53 2.68 -7.66 5.52
CA ASP A 53 3.27 -8.16 6.76
C ASP A 53 4.74 -8.56 6.54
N THR A 54 5.04 -9.03 5.33
CA THR A 54 6.38 -9.45 4.97
C THR A 54 7.05 -8.39 4.08
N GLU A 55 8.31 -8.08 4.38
CA GLU A 55 9.09 -7.09 3.63
C GLU A 55 8.51 -5.70 3.84
N GLU A 56 8.39 -5.32 5.10
CA GLU A 56 7.84 -4.03 5.48
C GLU A 56 8.93 -2.95 5.48
N GLU A 57 8.51 -1.71 5.24
CA GLU A 57 9.43 -0.58 5.22
C GLU A 57 9.89 -0.24 6.63
N SER A 1 3.24 -3.57 -23.93
CA SER A 1 2.84 -4.31 -22.70
C SER A 1 3.21 -3.50 -21.47
N HIS A 2 2.43 -3.63 -20.41
CA HIS A 2 2.68 -2.91 -19.17
C HIS A 2 3.64 -3.69 -18.28
N HIS A 3 4.92 -3.64 -18.62
CA HIS A 3 5.94 -4.34 -17.85
C HIS A 3 6.51 -3.43 -16.77
N HIS A 4 6.21 -3.76 -15.52
CA HIS A 4 6.68 -3.00 -14.37
C HIS A 4 6.34 -3.75 -13.09
N HIS A 5 7.03 -3.43 -11.99
CA HIS A 5 6.78 -4.08 -10.71
C HIS A 5 5.32 -3.91 -10.31
N HIS A 6 4.88 -2.65 -10.26
CA HIS A 6 3.50 -2.29 -9.90
C HIS A 6 3.23 -2.54 -8.41
N HIS A 7 4.22 -3.10 -7.71
CA HIS A 7 4.16 -3.40 -6.27
C HIS A 7 2.84 -4.03 -5.82
N SER A 8 2.17 -4.76 -6.69
CA SER A 8 0.91 -5.39 -6.34
C SER A 8 1.09 -6.87 -6.03
N MET A 9 1.57 -7.62 -7.03
CA MET A 9 1.78 -9.08 -6.94
C MET A 9 0.56 -9.80 -6.39
N GLY A 10 0.72 -11.06 -6.01
CA GLY A 10 -0.38 -11.85 -5.49
C GLY A 10 -0.22 -12.15 -4.01
N ASN A 11 -0.82 -11.32 -3.17
CA ASN A 11 -0.75 -11.52 -1.73
C ASN A 11 -2.11 -11.27 -1.10
N SER A 12 -2.49 -12.13 -0.16
CA SER A 12 -3.76 -12.01 0.52
C SER A 12 -3.69 -12.60 1.93
N SER A 13 -3.26 -13.85 2.02
CA SER A 13 -3.14 -14.54 3.30
C SER A 13 -1.77 -14.28 3.92
N LYS A 14 -1.36 -13.02 3.92
CA LYS A 14 -0.08 -12.62 4.46
C LYS A 14 -0.21 -11.24 5.10
N GLY A 15 0.86 -10.80 5.75
CA GLY A 15 0.86 -9.49 6.37
C GLY A 15 0.93 -8.39 5.33
N VAL A 16 -0.21 -8.04 4.78
CA VAL A 16 -0.29 -7.00 3.77
C VAL A 16 -0.89 -5.73 4.37
N TYR A 17 -0.22 -4.60 4.18
CA TYR A 17 -0.70 -3.34 4.72
C TYR A 17 -0.24 -2.17 3.85
N TYR A 18 -1.00 -1.09 3.90
CA TYR A 18 -0.67 0.10 3.13
C TYR A 18 0.28 0.97 3.94
N ARG A 19 1.31 1.50 3.30
CA ARG A 19 2.26 2.33 4.00
C ARG A 19 2.65 3.54 3.17
N ASN A 20 2.46 4.71 3.72
CA ASN A 20 2.81 5.94 3.03
C ASN A 20 4.10 6.49 3.63
N GLU A 21 4.61 7.58 3.06
CA GLU A 21 5.85 8.22 3.49
C GLU A 21 5.84 8.61 4.98
N GLU A 22 4.67 8.69 5.59
CA GLU A 22 4.58 9.04 7.01
C GLU A 22 5.05 7.86 7.88
N GLY A 23 5.03 6.67 7.30
CA GLY A 23 5.46 5.48 8.03
C GLY A 23 4.29 4.72 8.61
N GLN A 24 3.12 5.34 8.61
CA GLN A 24 1.93 4.71 9.15
C GLN A 24 1.46 3.58 8.24
N THR A 25 0.94 2.52 8.85
CA THR A 25 0.48 1.36 8.11
C THR A 25 -1.01 1.10 8.32
N TRP A 26 -1.71 0.78 7.24
CA TRP A 26 -3.14 0.49 7.29
C TRP A 26 -3.37 -0.97 6.91
N SER A 27 -4.12 -1.68 7.76
CA SER A 27 -4.41 -3.09 7.54
C SER A 27 -5.18 -3.31 6.23
N GLY A 28 -6.04 -2.35 5.88
CA GLY A 28 -6.79 -2.45 4.65
C GLY A 28 -8.15 -3.09 4.86
N VAL A 29 -8.71 -2.93 6.04
CA VAL A 29 -10.02 -3.49 6.36
C VAL A 29 -10.89 -2.42 7.00
N GLY A 30 -12.21 -2.63 6.95
CA GLY A 30 -13.14 -1.69 7.54
C GLY A 30 -13.04 -0.30 6.95
N ARG A 31 -12.61 0.64 7.78
CA ARG A 31 -12.45 2.02 7.36
C ARG A 31 -10.98 2.36 7.17
N GLN A 32 -10.70 3.48 6.53
CA GLN A 32 -9.33 3.89 6.28
C GLN A 32 -8.97 5.14 7.07
N PRO A 33 -7.72 5.24 7.53
CA PRO A 33 -7.25 6.39 8.30
C PRO A 33 -7.13 7.64 7.44
N ARG A 34 -6.96 8.78 8.09
CA ARG A 34 -6.86 10.07 7.41
C ARG A 34 -5.79 10.09 6.32
N TRP A 35 -4.57 9.68 6.65
CA TRP A 35 -3.46 9.70 5.69
C TRP A 35 -3.76 8.86 4.45
N LEU A 36 -4.59 7.84 4.57
CA LEU A 36 -4.93 6.99 3.44
C LEU A 36 -5.70 7.80 2.41
N LYS A 37 -6.72 8.51 2.89
CA LYS A 37 -7.53 9.33 2.02
C LYS A 37 -6.71 10.48 1.44
N GLU A 38 -5.90 11.10 2.28
CA GLU A 38 -5.07 12.23 1.86
C GLU A 38 -4.09 11.81 0.77
N ALA A 39 -3.49 10.63 0.93
CA ALA A 39 -2.54 10.13 -0.05
C ALA A 39 -3.27 9.78 -1.35
N LEU A 40 -4.46 9.21 -1.20
CA LEU A 40 -5.28 8.84 -2.35
C LEU A 40 -5.65 10.06 -3.19
N LEU A 41 -6.08 11.11 -2.53
CA LEU A 41 -6.48 12.34 -3.21
C LEU A 41 -5.27 13.13 -3.69
N ASN A 42 -4.08 12.70 -3.29
CA ASN A 42 -2.84 13.39 -3.67
C ASN A 42 -2.47 13.10 -5.11
N GLY A 43 -3.19 12.20 -5.76
CA GLY A 43 -2.91 11.89 -7.15
C GLY A 43 -2.35 10.49 -7.33
N MET A 44 -2.59 9.63 -6.36
CA MET A 44 -2.11 8.26 -6.44
C MET A 44 -3.08 7.31 -5.74
N LYS A 45 -3.19 6.10 -6.25
CA LYS A 45 -4.07 5.11 -5.67
C LYS A 45 -3.42 4.48 -4.45
N LYS A 46 -4.23 3.98 -3.52
CA LYS A 46 -3.71 3.37 -2.29
C LYS A 46 -2.81 2.18 -2.62
N GLU A 47 -3.10 1.51 -3.72
CA GLU A 47 -2.32 0.35 -4.15
C GLU A 47 -0.87 0.73 -4.50
N ASP A 48 -0.67 1.98 -4.88
CA ASP A 48 0.65 2.47 -5.28
C ASP A 48 1.63 2.49 -4.11
N PHE A 49 1.13 2.46 -2.89
CA PHE A 49 2.01 2.44 -1.72
C PHE A 49 1.67 1.23 -0.86
N LEU A 50 1.36 0.13 -1.53
CA LEU A 50 1.02 -1.11 -0.87
C LEU A 50 2.25 -1.98 -0.63
N VAL A 51 2.56 -2.23 0.63
CA VAL A 51 3.69 -3.06 0.98
C VAL A 51 3.19 -4.36 1.63
N LYS A 52 3.87 -5.45 1.35
CA LYS A 52 3.46 -6.74 1.86
C LYS A 52 4.58 -7.36 2.70
N ASP A 53 4.27 -8.48 3.35
CA ASP A 53 5.28 -9.19 4.14
C ASP A 53 6.46 -9.52 3.25
N THR A 54 6.14 -9.78 1.98
CA THR A 54 7.13 -10.04 0.96
C THR A 54 7.17 -8.79 0.07
N GLU A 55 8.27 -8.57 -0.64
CA GLU A 55 8.40 -7.37 -1.47
C GLU A 55 8.42 -6.15 -0.55
N GLU A 56 9.27 -6.22 0.47
CA GLU A 56 9.39 -5.17 1.46
C GLU A 56 10.33 -4.07 0.98
N GLU A 57 9.88 -2.83 1.09
CA GLU A 57 10.66 -1.67 0.68
C GLU A 57 11.28 -1.00 1.90
N SER A 1 6.42 -4.00 -23.94
CA SER A 1 6.50 -3.49 -22.56
C SER A 1 7.95 -3.24 -22.17
N HIS A 2 8.17 -2.40 -21.16
CA HIS A 2 9.52 -2.09 -20.71
C HIS A 2 9.53 -1.57 -19.27
N HIS A 3 10.52 -2.02 -18.51
CA HIS A 3 10.72 -1.61 -17.11
C HIS A 3 9.56 -2.06 -16.22
N HIS A 4 9.72 -3.22 -15.59
CA HIS A 4 8.70 -3.75 -14.70
C HIS A 4 8.79 -3.06 -13.35
N HIS A 5 7.65 -2.61 -12.84
CA HIS A 5 7.61 -1.93 -11.55
C HIS A 5 7.99 -2.88 -10.42
N HIS A 6 8.74 -2.36 -9.43
CA HIS A 6 9.17 -3.15 -8.29
C HIS A 6 7.98 -3.78 -7.58
N HIS A 7 7.90 -5.10 -7.65
CA HIS A 7 6.82 -5.86 -7.02
C HIS A 7 7.26 -7.30 -6.80
N SER A 8 7.91 -7.56 -5.69
CA SER A 8 8.39 -8.90 -5.36
C SER A 8 7.21 -9.87 -5.16
N MET A 9 6.34 -9.55 -4.20
CA MET A 9 5.20 -10.40 -3.91
C MET A 9 4.15 -9.60 -3.13
N GLY A 10 2.94 -10.15 -3.04
CA GLY A 10 1.88 -9.48 -2.31
C GLY A 10 0.49 -9.80 -2.86
N ASN A 11 -0.07 -10.92 -2.43
CA ASN A 11 -1.39 -11.35 -2.87
C ASN A 11 -2.25 -11.70 -1.65
N SER A 12 -2.38 -12.98 -1.36
CA SER A 12 -3.13 -13.45 -0.20
C SER A 12 -2.22 -13.42 1.02
N SER A 13 -1.08 -12.76 0.82
CA SER A 13 -0.05 -12.56 1.82
C SER A 13 -0.62 -12.06 3.14
N LYS A 14 -0.01 -12.49 4.24
CA LYS A 14 -0.43 -12.10 5.58
C LYS A 14 -0.48 -10.57 5.70
N GLY A 15 -0.73 -10.08 6.90
CA GLY A 15 -0.90 -8.65 7.14
C GLY A 15 -0.01 -7.74 6.31
N VAL A 16 -0.66 -7.04 5.39
CA VAL A 16 -0.01 -6.09 4.52
C VAL A 16 -0.34 -4.69 5.04
N TYR A 17 0.44 -3.70 4.64
CA TYR A 17 0.21 -2.35 5.13
C TYR A 17 0.41 -1.30 4.05
N TYR A 18 -0.49 -0.34 4.02
CA TYR A 18 -0.37 0.76 3.08
C TYR A 18 0.38 1.88 3.77
N ARG A 19 1.49 2.33 3.18
CA ARG A 19 2.28 3.38 3.81
C ARG A 19 2.22 4.68 3.02
N ASN A 20 2.35 5.78 3.74
CA ASN A 20 2.30 7.11 3.14
C ASN A 20 3.34 8.01 3.82
N GLU A 21 3.40 9.27 3.40
CA GLU A 21 4.35 10.23 3.95
C GLU A 21 4.23 10.38 5.48
N GLU A 22 3.04 10.13 6.00
CA GLU A 22 2.80 10.23 7.44
C GLU A 22 3.49 9.11 8.21
N GLY A 23 3.93 8.08 7.48
CA GLY A 23 4.61 6.97 8.12
C GLY A 23 3.65 5.96 8.73
N GLN A 24 2.36 6.29 8.73
CA GLN A 24 1.35 5.40 9.27
C GLN A 24 1.08 4.26 8.31
N THR A 25 0.41 3.22 8.80
CA THR A 25 0.13 2.04 7.98
C THR A 25 -1.31 1.54 8.14
N TRP A 26 -1.93 1.19 7.02
CA TRP A 26 -3.32 0.69 7.03
C TRP A 26 -3.34 -0.77 6.57
N SER A 27 -4.20 -1.59 7.20
CA SER A 27 -4.31 -3.00 6.84
C SER A 27 -5.11 -3.20 5.55
N GLY A 28 -6.32 -2.64 5.49
CA GLY A 28 -7.14 -2.80 4.29
C GLY A 28 -8.61 -3.02 4.59
N VAL A 29 -8.90 -3.62 5.73
CA VAL A 29 -10.27 -3.90 6.14
C VAL A 29 -10.72 -2.88 7.17
N GLY A 30 -12.02 -2.59 7.23
CA GLY A 30 -12.53 -1.63 8.21
C GLY A 30 -12.15 -0.23 7.89
N ARG A 31 -12.93 0.42 7.01
CA ARG A 31 -12.70 1.79 6.61
C ARG A 31 -11.23 2.10 6.32
N GLN A 32 -10.87 3.37 6.27
CA GLN A 32 -9.50 3.75 5.99
C GLN A 32 -9.09 4.93 6.85
N PRO A 33 -7.80 5.08 7.17
CA PRO A 33 -7.33 6.21 7.96
C PRO A 33 -7.49 7.49 7.15
N ARG A 34 -7.61 8.61 7.84
CA ARG A 34 -7.79 9.91 7.19
C ARG A 34 -6.69 10.25 6.20
N TRP A 35 -5.49 9.68 6.35
CA TRP A 35 -4.40 9.98 5.44
C TRP A 35 -4.49 9.17 4.16
N LEU A 36 -5.31 8.12 4.17
CA LEU A 36 -5.45 7.26 3.00
C LEU A 36 -6.09 8.03 1.86
N LYS A 37 -7.12 8.79 2.17
CA LYS A 37 -7.81 9.57 1.16
C LYS A 37 -6.90 10.63 0.55
N GLU A 38 -5.99 11.17 1.36
CA GLU A 38 -5.06 12.20 0.90
C GLU A 38 -4.19 11.67 -0.23
N ALA A 39 -3.67 10.47 -0.06
CA ALA A 39 -2.83 9.84 -1.06
C ALA A 39 -3.67 9.34 -2.24
N LEU A 40 -4.91 8.95 -1.95
CA LEU A 40 -5.80 8.45 -2.97
C LEU A 40 -6.24 9.58 -3.91
N LEU A 41 -6.66 10.70 -3.34
CA LEU A 41 -7.12 11.84 -4.13
C LEU A 41 -5.98 12.49 -4.90
N ASN A 42 -4.75 12.07 -4.62
CA ASN A 42 -3.59 12.60 -5.31
C ASN A 42 -3.60 12.15 -6.77
N GLY A 43 -4.32 11.07 -7.03
CA GLY A 43 -4.41 10.54 -8.36
C GLY A 43 -3.70 9.21 -8.50
N MET A 44 -3.45 8.58 -7.37
CA MET A 44 -2.79 7.29 -7.35
C MET A 44 -3.64 6.28 -6.59
N LYS A 45 -3.46 5.02 -6.93
CA LYS A 45 -4.18 3.94 -6.27
C LYS A 45 -3.47 3.59 -4.97
N LYS A 46 -4.19 3.09 -3.98
CA LYS A 46 -3.58 2.72 -2.71
C LYS A 46 -2.57 1.58 -2.92
N GLU A 47 -2.82 0.78 -3.94
CA GLU A 47 -1.94 -0.33 -4.30
C GLU A 47 -0.54 0.16 -4.68
N ASP A 48 -0.47 1.39 -5.17
CA ASP A 48 0.80 1.98 -5.59
C ASP A 48 1.78 2.08 -4.42
N PHE A 49 1.25 2.19 -3.21
CA PHE A 49 2.09 2.27 -2.02
C PHE A 49 1.78 1.11 -1.08
N LEU A 50 1.49 -0.04 -1.67
CA LEU A 50 1.16 -1.24 -0.92
C LEU A 50 2.42 -1.97 -0.45
N VAL A 51 2.57 -2.08 0.85
CA VAL A 51 3.70 -2.78 1.45
C VAL A 51 3.17 -4.00 2.21
N LYS A 52 4.03 -4.95 2.51
CA LYS A 52 3.61 -6.16 3.23
C LYS A 52 4.41 -6.33 4.51
N ASP A 53 4.02 -7.31 5.33
CA ASP A 53 4.75 -7.62 6.57
C ASP A 53 6.25 -7.77 6.29
N THR A 54 6.57 -8.31 5.12
CA THR A 54 7.96 -8.48 4.71
C THR A 54 8.38 -7.33 3.80
N GLU A 55 9.69 -7.05 3.75
CA GLU A 55 10.26 -5.97 2.94
C GLU A 55 9.45 -4.68 3.06
N GLU A 56 9.20 -4.26 4.29
CA GLU A 56 8.45 -3.05 4.55
C GLU A 56 9.40 -1.86 4.56
N GLU A 57 8.88 -0.70 4.19
CA GLU A 57 9.68 0.51 4.15
C GLU A 57 9.97 0.99 5.56
N SER A 1 5.41 -3.51 -23.08
CA SER A 1 4.71 -4.10 -21.93
C SER A 1 4.96 -3.26 -20.67
N HIS A 2 4.10 -3.42 -19.67
CA HIS A 2 4.25 -2.69 -18.42
C HIS A 2 5.34 -3.33 -17.56
N HIS A 3 6.58 -3.22 -18.00
CA HIS A 3 7.70 -3.80 -17.28
C HIS A 3 8.23 -2.86 -16.20
N HIS A 4 7.47 -2.75 -15.13
CA HIS A 4 7.83 -1.91 -14.00
C HIS A 4 7.66 -2.72 -12.72
N HIS A 5 8.27 -2.26 -11.64
CA HIS A 5 8.16 -2.95 -10.36
C HIS A 5 6.73 -2.86 -9.87
N HIS A 6 6.20 -1.64 -9.88
CA HIS A 6 4.82 -1.34 -9.48
C HIS A 6 4.58 -1.61 -7.98
N HIS A 7 5.60 -2.14 -7.30
CA HIS A 7 5.55 -2.45 -5.85
C HIS A 7 4.26 -3.13 -5.42
N SER A 8 3.67 -3.93 -6.30
CA SER A 8 2.45 -4.64 -5.95
C SER A 8 2.74 -6.08 -5.58
N MET A 9 3.29 -6.81 -6.56
CA MET A 9 3.65 -8.24 -6.42
C MET A 9 2.46 -9.09 -5.93
N GLY A 10 2.72 -10.37 -5.70
CA GLY A 10 1.67 -11.26 -5.23
C GLY A 10 1.88 -11.68 -3.79
N ASN A 11 1.09 -11.08 -2.90
CA ASN A 11 1.18 -11.39 -1.47
C ASN A 11 -0.03 -10.84 -0.75
N SER A 12 -0.76 -11.71 -0.03
CA SER A 12 -1.95 -11.29 0.70
C SER A 12 -2.08 -12.03 2.03
N SER A 13 -1.51 -13.22 2.12
CA SER A 13 -1.57 -14.02 3.34
C SER A 13 -0.36 -13.74 4.22
N LYS A 14 0.05 -12.48 4.24
CA LYS A 14 1.18 -12.03 5.02
C LYS A 14 0.90 -10.65 5.57
N GLY A 15 1.87 -10.08 6.28
CA GLY A 15 1.71 -8.76 6.83
C GLY A 15 1.66 -7.70 5.72
N VAL A 16 0.47 -7.45 5.22
CA VAL A 16 0.26 -6.46 4.18
C VAL A 16 -0.26 -5.17 4.80
N TYR A 17 0.38 -4.05 4.48
CA TYR A 17 -0.04 -2.76 5.02
C TYR A 17 0.32 -1.62 4.08
N TYR A 18 -0.53 -0.61 4.05
CA TYR A 18 -0.29 0.55 3.21
C TYR A 18 0.52 1.56 4.01
N ARG A 19 1.52 2.18 3.39
CA ARG A 19 2.36 3.15 4.11
C ARG A 19 2.66 4.38 3.26
N ASN A 20 2.32 5.54 3.79
CA ASN A 20 2.57 6.80 3.09
C ASN A 20 3.79 7.48 3.69
N GLU A 21 4.22 8.59 3.09
CA GLU A 21 5.39 9.35 3.54
C GLU A 21 5.33 9.76 5.01
N GLU A 22 4.13 9.84 5.57
CA GLU A 22 3.96 10.23 6.98
C GLU A 22 4.47 9.14 7.92
N GLY A 23 4.70 7.94 7.37
CA GLY A 23 5.19 6.84 8.18
C GLY A 23 4.07 6.06 8.84
N GLN A 24 2.85 6.32 8.41
CA GLN A 24 1.69 5.65 8.98
C GLN A 24 1.32 4.43 8.13
N THR A 25 0.87 3.38 8.79
CA THR A 25 0.51 2.15 8.11
C THR A 25 -0.98 1.82 8.26
N TRP A 26 -1.52 1.09 7.29
CA TRP A 26 -2.92 0.69 7.30
C TRP A 26 -3.03 -0.80 6.99
N SER A 27 -3.71 -1.53 7.87
CA SER A 27 -3.90 -2.97 7.69
C SER A 27 -4.70 -3.27 6.43
N GLY A 28 -5.72 -2.47 6.16
CA GLY A 28 -6.52 -2.68 4.97
C GLY A 28 -7.83 -3.40 5.26
N VAL A 29 -8.41 -3.13 6.43
CA VAL A 29 -9.66 -3.75 6.82
C VAL A 29 -10.66 -2.71 7.26
N GLY A 30 -11.94 -2.99 7.03
CA GLY A 30 -13.00 -2.07 7.43
C GLY A 30 -12.81 -0.66 6.88
N ARG A 31 -12.63 0.29 7.79
CA ARG A 31 -12.44 1.67 7.39
C ARG A 31 -10.96 1.97 7.15
N GLN A 32 -10.70 3.11 6.55
CA GLN A 32 -9.34 3.52 6.27
C GLN A 32 -9.01 4.78 7.08
N PRO A 33 -7.74 4.99 7.42
CA PRO A 33 -7.32 6.16 8.17
C PRO A 33 -7.39 7.41 7.30
N ARG A 34 -7.57 8.55 7.93
CA ARG A 34 -7.70 9.83 7.22
C ARG A 34 -6.60 10.05 6.17
N TRP A 35 -5.36 9.64 6.46
CA TRP A 35 -4.26 9.84 5.52
C TRP A 35 -4.40 8.98 4.28
N LEU A 36 -5.07 7.84 4.41
CA LEU A 36 -5.26 6.94 3.27
C LEU A 36 -6.09 7.62 2.21
N LYS A 37 -7.17 8.24 2.64
CA LYS A 37 -8.06 8.96 1.73
C LYS A 37 -7.35 10.17 1.13
N GLU A 38 -6.65 10.91 1.99
CA GLU A 38 -5.93 12.10 1.54
C GLU A 38 -4.85 11.75 0.52
N ALA A 39 -4.14 10.65 0.76
CA ALA A 39 -3.10 10.20 -0.15
C ALA A 39 -3.72 9.71 -1.45
N LEU A 40 -4.88 9.09 -1.35
CA LEU A 40 -5.58 8.57 -2.51
C LEU A 40 -6.04 9.71 -3.42
N LEU A 41 -6.61 10.74 -2.82
CA LEU A 41 -7.09 11.89 -3.59
C LEU A 41 -5.93 12.79 -3.98
N ASN A 42 -4.74 12.50 -3.46
CA ASN A 42 -3.55 13.29 -3.74
C ASN A 42 -3.08 13.07 -5.19
N GLY A 43 -3.66 12.10 -5.87
CA GLY A 43 -3.29 11.84 -7.24
C GLY A 43 -2.60 10.50 -7.42
N MET A 44 -2.49 9.74 -6.33
CA MET A 44 -1.86 8.44 -6.36
C MET A 44 -2.80 7.39 -5.79
N LYS A 45 -2.70 6.17 -6.29
CA LYS A 45 -3.56 5.10 -5.81
C LYS A 45 -2.96 4.48 -4.55
N LYS A 46 -3.79 3.84 -3.74
CA LYS A 46 -3.33 3.22 -2.49
C LYS A 46 -2.27 2.16 -2.75
N GLU A 47 -2.39 1.49 -3.89
CA GLU A 47 -1.48 0.44 -4.28
C GLU A 47 -0.06 0.98 -4.52
N ASP A 48 0.04 2.26 -4.87
CA ASP A 48 1.34 2.90 -5.17
C ASP A 48 2.23 2.96 -3.92
N PHE A 49 1.65 2.77 -2.75
CA PHE A 49 2.43 2.79 -1.52
C PHE A 49 2.11 1.55 -0.68
N LEU A 50 1.95 0.43 -1.38
CA LEU A 50 1.64 -0.84 -0.74
C LEU A 50 2.91 -1.62 -0.38
N VAL A 51 3.28 -1.57 0.89
CA VAL A 51 4.46 -2.27 1.36
C VAL A 51 4.06 -3.52 2.15
N LYS A 52 4.64 -4.65 1.79
CA LYS A 52 4.31 -5.91 2.44
C LYS A 52 5.48 -6.44 3.26
N ASP A 53 5.24 -7.51 4.00
CA ASP A 53 6.27 -8.15 4.82
C ASP A 53 7.47 -8.51 3.96
N THR A 54 7.20 -8.84 2.69
CA THR A 54 8.23 -9.18 1.74
C THR A 54 8.47 -7.96 0.84
N GLU A 55 9.68 -7.85 0.28
CA GLU A 55 10.09 -6.74 -0.59
C GLU A 55 9.78 -5.40 0.08
N GLU A 56 10.13 -5.30 1.36
CA GLU A 56 9.89 -4.11 2.14
C GLU A 56 10.98 -3.08 1.91
N GLU A 57 10.63 -1.80 2.08
CA GLU A 57 11.57 -0.72 1.87
C GLU A 57 11.77 0.07 3.15
N SER A 1 3.24 1.26 -24.15
CA SER A 1 2.26 1.00 -23.09
C SER A 1 2.73 1.58 -21.76
N HIS A 2 1.88 1.53 -20.75
CA HIS A 2 2.23 2.05 -19.44
C HIS A 2 3.15 1.08 -18.71
N HIS A 3 4.45 1.24 -18.93
CA HIS A 3 5.44 0.39 -18.29
C HIS A 3 6.03 1.08 -17.07
N HIS A 4 5.44 0.82 -15.93
CA HIS A 4 5.90 1.39 -14.67
C HIS A 4 5.72 0.35 -13.57
N HIS A 5 6.56 0.42 -12.55
CA HIS A 5 6.50 -0.53 -11.45
C HIS A 5 5.21 -0.34 -10.67
N HIS A 6 5.06 0.86 -10.09
CA HIS A 6 3.87 1.21 -9.31
C HIS A 6 3.81 0.42 -7.99
N HIS A 7 4.69 -0.57 -7.87
CA HIS A 7 4.80 -1.45 -6.71
C HIS A 7 3.45 -1.93 -6.20
N SER A 8 2.60 -2.38 -7.10
CA SER A 8 1.29 -2.90 -6.74
C SER A 8 1.31 -4.42 -6.77
N MET A 9 1.64 -4.96 -7.96
CA MET A 9 1.71 -6.40 -8.20
C MET A 9 0.42 -7.12 -7.82
N GLY A 10 0.45 -8.44 -7.86
CA GLY A 10 -0.72 -9.22 -7.50
C GLY A 10 -0.55 -9.85 -6.14
N ASN A 11 -0.56 -9.03 -5.10
CA ASN A 11 -0.39 -9.52 -3.74
C ASN A 11 -1.62 -9.22 -2.89
N SER A 12 -2.34 -10.27 -2.52
CA SER A 12 -3.54 -10.13 -1.72
C SER A 12 -3.44 -10.95 -0.43
N SER A 13 -3.09 -12.23 -0.58
CA SER A 13 -2.96 -13.12 0.56
C SER A 13 -1.56 -13.03 1.16
N LYS A 14 -1.25 -11.86 1.70
CA LYS A 14 0.03 -11.58 2.32
C LYS A 14 -0.09 -10.31 3.16
N GLY A 15 1.01 -9.89 3.76
CA GLY A 15 0.99 -8.68 4.57
C GLY A 15 0.89 -7.43 3.71
N VAL A 16 -0.30 -7.16 3.21
CA VAL A 16 -0.55 -5.99 2.39
C VAL A 16 -1.02 -4.82 3.26
N TYR A 17 -0.37 -3.66 3.11
CA TYR A 17 -0.73 -2.50 3.88
C TYR A 17 -0.36 -1.21 3.15
N TYR A 18 -0.75 -0.09 3.72
CA TYR A 18 -0.45 1.21 3.15
C TYR A 18 0.50 1.96 4.05
N ARG A 19 1.44 2.71 3.47
CA ARG A 19 2.40 3.47 4.27
C ARG A 19 2.60 4.85 3.68
N ASN A 20 3.06 5.78 4.51
CA ASN A 20 3.29 7.14 4.07
C ASN A 20 4.58 7.68 4.68
N GLU A 21 4.86 8.96 4.42
CA GLU A 21 6.07 9.62 4.92
C GLU A 21 6.18 9.57 6.45
N GLU A 22 5.04 9.47 7.14
CA GLU A 22 5.05 9.41 8.60
C GLU A 22 5.60 8.07 9.10
N GLY A 23 5.57 7.05 8.24
CA GLY A 23 6.11 5.75 8.61
C GLY A 23 5.07 4.73 9.09
N GLN A 24 3.90 5.19 9.52
CA GLN A 24 2.88 4.26 10.00
C GLN A 24 2.25 3.50 8.84
N THR A 25 1.67 2.35 9.14
CA THR A 25 1.06 1.51 8.14
C THR A 25 -0.40 1.20 8.44
N TRP A 26 -1.20 1.14 7.39
CA TRP A 26 -2.63 0.84 7.51
C TRP A 26 -2.91 -0.52 6.89
N SER A 27 -3.57 -1.40 7.65
CA SER A 27 -3.90 -2.75 7.22
C SER A 27 -4.72 -2.75 5.92
N GLY A 28 -5.61 -1.77 5.76
CA GLY A 28 -6.41 -1.69 4.56
C GLY A 28 -7.72 -2.44 4.70
N VAL A 29 -8.17 -2.60 5.93
CA VAL A 29 -9.42 -3.30 6.21
C VAL A 29 -10.41 -2.38 6.92
N GLY A 30 -11.68 -2.49 6.56
CA GLY A 30 -12.71 -1.69 7.19
C GLY A 30 -12.61 -0.21 6.84
N ARG A 31 -12.16 0.59 7.79
CA ARG A 31 -12.06 2.03 7.58
C ARG A 31 -10.59 2.44 7.44
N GLN A 32 -10.39 3.68 7.00
CA GLN A 32 -9.04 4.22 6.82
C GLN A 32 -8.74 5.30 7.86
N PRO A 33 -7.48 5.40 8.29
CA PRO A 33 -7.05 6.37 9.29
C PRO A 33 -7.03 7.80 8.76
N ARG A 34 -6.74 8.74 9.67
CA ARG A 34 -6.72 10.17 9.34
C ARG A 34 -5.69 10.51 8.26
N TRP A 35 -4.47 9.96 8.39
CA TRP A 35 -3.41 10.25 7.43
C TRP A 35 -3.73 9.72 6.04
N LEU A 36 -4.55 8.67 5.96
CA LEU A 36 -4.92 8.09 4.69
C LEU A 36 -5.74 9.09 3.89
N LYS A 37 -6.64 9.78 4.58
CA LYS A 37 -7.48 10.79 3.96
C LYS A 37 -6.63 11.95 3.47
N GLU A 38 -5.74 12.43 4.33
CA GLU A 38 -4.86 13.54 4.00
C GLU A 38 -3.96 13.18 2.81
N ALA A 39 -3.54 11.92 2.76
CA ALA A 39 -2.70 11.43 1.68
C ALA A 39 -3.48 11.39 0.37
N LEU A 40 -4.72 10.92 0.43
CA LEU A 40 -5.57 10.82 -0.74
C LEU A 40 -5.88 12.18 -1.35
N LEU A 41 -6.22 13.15 -0.50
CA LEU A 41 -6.55 14.48 -0.98
C LEU A 41 -5.29 15.26 -1.38
N ASN A 42 -4.12 14.68 -1.12
CA ASN A 42 -2.85 15.32 -1.46
C ASN A 42 -2.63 15.27 -2.96
N GLY A 43 -3.40 14.44 -3.64
CA GLY A 43 -3.27 14.31 -5.08
C GLY A 43 -2.77 12.95 -5.49
N MET A 44 -2.50 12.12 -4.50
CA MET A 44 -2.00 10.78 -4.75
C MET A 44 -2.98 9.74 -4.21
N LYS A 45 -3.29 8.74 -5.02
CA LYS A 45 -4.21 7.70 -4.62
C LYS A 45 -3.55 6.79 -3.59
N LYS A 46 -4.35 6.17 -2.75
CA LYS A 46 -3.83 5.29 -1.70
C LYS A 46 -3.03 4.14 -2.32
N GLU A 47 -3.44 3.70 -3.50
CA GLU A 47 -2.77 2.61 -4.21
C GLU A 47 -1.35 3.00 -4.62
N ASP A 48 -1.12 4.32 -4.78
CA ASP A 48 0.20 4.80 -5.20
C ASP A 48 1.28 4.52 -4.15
N PHE A 49 0.88 4.42 -2.88
CA PHE A 49 1.84 4.15 -1.82
C PHE A 49 1.51 2.82 -1.14
N LEU A 50 1.13 1.84 -1.94
CA LEU A 50 0.79 0.51 -1.45
C LEU A 50 2.03 -0.36 -1.29
N VAL A 51 2.48 -0.53 -0.06
CA VAL A 51 3.64 -1.37 0.22
C VAL A 51 3.19 -2.70 0.80
N LYS A 52 3.75 -3.78 0.31
CA LYS A 52 3.35 -5.12 0.76
C LYS A 52 4.50 -5.84 1.43
N ASP A 53 4.19 -7.02 1.98
CA ASP A 53 5.17 -7.86 2.63
C ASP A 53 6.26 -8.23 1.64
N THR A 54 5.86 -8.33 0.38
CA THR A 54 6.78 -8.63 -0.70
C THR A 54 7.21 -7.32 -1.35
N GLU A 55 8.41 -7.30 -1.94
CA GLU A 55 8.98 -6.10 -2.58
C GLU A 55 8.71 -4.86 -1.72
N GLU A 56 9.28 -4.87 -0.53
CA GLU A 56 9.12 -3.79 0.42
C GLU A 56 10.10 -2.68 0.13
N GLU A 57 9.73 -1.46 0.50
CA GLU A 57 10.56 -0.30 0.26
C GLU A 57 10.91 0.38 1.58
N SER A 1 5.07 -4.38 -24.45
CA SER A 1 5.04 -4.70 -23.02
C SER A 1 6.41 -5.17 -22.53
N HIS A 2 7.10 -4.31 -21.79
CA HIS A 2 8.42 -4.62 -21.25
C HIS A 2 8.53 -4.07 -19.84
N HIS A 3 9.38 -4.71 -19.02
CA HIS A 3 9.62 -4.30 -17.63
C HIS A 3 8.40 -4.61 -16.75
N HIS A 4 8.65 -4.86 -15.47
CA HIS A 4 7.57 -5.18 -14.55
C HIS A 4 7.79 -4.46 -13.22
N HIS A 5 6.70 -3.94 -12.66
CA HIS A 5 6.74 -3.26 -11.37
C HIS A 5 7.22 -4.24 -10.30
N HIS A 6 8.12 -3.77 -9.43
CA HIS A 6 8.64 -4.62 -8.37
C HIS A 6 7.55 -5.00 -7.39
N HIS A 7 7.04 -6.20 -7.54
CA HIS A 7 5.98 -6.72 -6.68
C HIS A 7 6.21 -8.21 -6.48
N SER A 8 6.78 -8.55 -5.33
CA SER A 8 7.08 -9.93 -4.99
C SER A 8 5.86 -10.83 -5.08
N MET A 9 4.80 -10.46 -4.36
CA MET A 9 3.57 -11.24 -4.37
C MET A 9 2.36 -10.33 -4.46
N GLY A 10 1.19 -10.91 -4.64
CA GLY A 10 -0.03 -10.12 -4.75
C GLY A 10 -0.72 -9.90 -3.43
N ASN A 11 -2.03 -9.72 -3.47
CA ASN A 11 -2.81 -9.49 -2.26
C ASN A 11 -3.57 -10.74 -1.85
N SER A 12 -2.82 -11.78 -1.53
CA SER A 12 -3.37 -13.04 -1.07
C SER A 12 -2.64 -13.42 0.21
N SER A 13 -1.82 -12.47 0.62
CA SER A 13 -1.00 -12.53 1.80
C SER A 13 -1.73 -11.98 3.01
N LYS A 14 -1.42 -12.52 4.19
CA LYS A 14 -2.02 -12.06 5.44
C LYS A 14 -1.84 -10.54 5.61
N GLY A 15 -2.21 -10.02 6.79
CA GLY A 15 -2.20 -8.58 7.03
C GLY A 15 -1.11 -7.80 6.32
N VAL A 16 -1.56 -7.05 5.33
CA VAL A 16 -0.70 -6.20 4.54
C VAL A 16 -0.83 -4.77 5.05
N TYR A 17 -0.09 -3.85 4.45
CA TYR A 17 -0.15 -2.47 4.91
C TYR A 17 0.01 -1.49 3.76
N TYR A 18 -0.87 -0.51 3.71
CA TYR A 18 -0.78 0.54 2.72
C TYR A 18 0.05 1.66 3.34
N ARG A 19 1.16 2.01 2.71
CA ARG A 19 2.03 3.04 3.26
C ARG A 19 1.99 4.32 2.44
N ASN A 20 2.23 5.45 3.10
CA ASN A 20 2.23 6.75 2.45
C ASN A 20 3.43 7.56 2.96
N GLU A 21 3.54 8.81 2.50
CA GLU A 21 4.65 9.68 2.87
C GLU A 21 4.76 9.90 4.38
N GLU A 22 3.63 9.85 5.08
CA GLU A 22 3.62 10.04 6.54
C GLU A 22 4.24 8.84 7.26
N GLY A 23 4.36 7.72 6.55
CA GLY A 23 4.92 6.53 7.16
C GLY A 23 3.89 5.68 7.86
N GLN A 24 2.64 6.14 7.83
CA GLN A 24 1.54 5.42 8.46
C GLN A 24 1.16 4.20 7.62
N THR A 25 0.48 3.23 8.23
CA THR A 25 0.11 2.01 7.54
C THR A 25 -1.35 1.60 7.80
N TRP A 26 -2.00 1.15 6.74
CA TRP A 26 -3.40 0.68 6.81
C TRP A 26 -3.45 -0.80 6.45
N SER A 27 -4.17 -1.60 7.23
CA SER A 27 -4.26 -3.05 7.00
C SER A 27 -5.15 -3.40 5.80
N GLY A 28 -6.15 -2.58 5.52
CA GLY A 28 -7.04 -2.88 4.41
C GLY A 28 -8.43 -3.25 4.87
N VAL A 29 -8.65 -3.16 6.17
CA VAL A 29 -9.94 -3.48 6.77
C VAL A 29 -10.40 -2.29 7.61
N GLY A 30 -11.72 -2.17 7.79
CA GLY A 30 -12.27 -1.09 8.59
C GLY A 30 -11.98 0.28 8.04
N ARG A 31 -12.85 0.75 7.17
CA ARG A 31 -12.74 2.08 6.56
C ARG A 31 -11.34 2.30 5.99
N GLN A 32 -11.02 3.55 5.74
CA GLN A 32 -9.70 3.91 5.26
C GLN A 32 -9.25 5.15 6.00
N PRO A 33 -7.97 5.24 6.37
CA PRO A 33 -7.47 6.41 7.09
C PRO A 33 -7.55 7.68 6.26
N ARG A 34 -7.65 8.81 6.93
CA ARG A 34 -7.77 10.11 6.26
C ARG A 34 -6.60 10.39 5.31
N TRP A 35 -5.45 9.73 5.53
CA TRP A 35 -4.29 9.94 4.67
C TRP A 35 -4.31 9.02 3.45
N LEU A 36 -5.21 8.04 3.44
CA LEU A 36 -5.30 7.09 2.32
C LEU A 36 -5.90 7.78 1.09
N LYS A 37 -6.93 8.57 1.33
CA LYS A 37 -7.61 9.29 0.25
C LYS A 37 -6.67 10.25 -0.46
N GLU A 38 -5.67 10.75 0.27
CA GLU A 38 -4.69 11.69 -0.29
C GLU A 38 -3.96 11.07 -1.47
N ALA A 39 -3.48 9.85 -1.28
CA ALA A 39 -2.76 9.14 -2.32
C ALA A 39 -3.73 8.67 -3.41
N LEU A 40 -4.96 8.38 -3.01
CA LEU A 40 -5.98 7.93 -3.95
C LEU A 40 -6.35 9.06 -4.92
N LEU A 41 -6.55 10.27 -4.39
CA LEU A 41 -6.89 11.41 -5.22
C LEU A 41 -5.68 11.93 -5.98
N ASN A 42 -4.50 11.41 -5.64
CA ASN A 42 -3.26 11.81 -6.29
C ASN A 42 -3.24 11.33 -7.75
N GLY A 43 -4.06 10.32 -8.04
CA GLY A 43 -4.12 9.81 -9.39
C GLY A 43 -3.57 8.40 -9.50
N MET A 44 -3.34 7.77 -8.36
CA MET A 44 -2.81 6.42 -8.34
C MET A 44 -3.72 5.51 -7.52
N LYS A 45 -3.56 4.22 -7.67
CA LYS A 45 -4.37 3.25 -6.95
C LYS A 45 -3.67 2.83 -5.67
N LYS A 46 -4.45 2.36 -4.72
CA LYS A 46 -3.92 1.92 -3.44
C LYS A 46 -2.95 0.76 -3.62
N GLU A 47 -3.20 -0.06 -4.63
CA GLU A 47 -2.37 -1.22 -4.95
C GLU A 47 -0.93 -0.81 -5.31
N ASP A 48 -0.77 0.41 -5.84
CA ASP A 48 0.54 0.91 -6.25
C ASP A 48 1.53 0.92 -5.08
N PHE A 49 1.06 1.34 -3.92
CA PHE A 49 1.90 1.42 -2.73
C PHE A 49 1.51 0.36 -1.71
N LEU A 50 0.99 -0.75 -2.20
CA LEU A 50 0.57 -1.85 -1.34
C LEU A 50 1.76 -2.69 -0.89
N VAL A 51 2.07 -2.62 0.40
CA VAL A 51 3.15 -3.40 0.96
C VAL A 51 2.55 -4.47 1.86
N LYS A 52 3.31 -5.50 2.17
CA LYS A 52 2.82 -6.59 3.00
C LYS A 52 3.59 -6.61 4.30
N ASP A 53 3.08 -7.29 5.33
CA ASP A 53 3.82 -7.41 6.59
C ASP A 53 5.20 -8.01 6.31
N THR A 54 5.26 -8.74 5.20
CA THR A 54 6.49 -9.34 4.73
C THR A 54 7.02 -8.46 3.58
N GLU A 55 8.32 -8.14 3.62
CA GLU A 55 8.94 -7.29 2.61
C GLU A 55 8.27 -5.92 2.61
N GLU A 56 8.46 -5.19 3.70
CA GLU A 56 7.87 -3.87 3.85
C GLU A 56 8.87 -2.78 3.50
N GLU A 57 8.35 -1.65 3.05
CA GLU A 57 9.18 -0.52 2.67
C GLU A 57 9.54 0.31 3.89
N SER A 1 7.33 -4.07 -24.00
CA SER A 1 7.41 -3.18 -22.82
C SER A 1 8.81 -3.22 -22.23
N HIS A 2 9.24 -2.12 -21.65
CA HIS A 2 10.56 -2.04 -21.05
C HIS A 2 10.44 -1.87 -19.55
N HIS A 3 11.21 -2.67 -18.80
CA HIS A 3 11.20 -2.64 -17.34
C HIS A 3 9.83 -3.09 -16.81
N HIS A 4 9.64 -3.00 -15.51
CA HIS A 4 8.38 -3.38 -14.88
C HIS A 4 8.31 -2.78 -13.48
N HIS A 5 7.13 -2.78 -12.89
CA HIS A 5 6.94 -2.24 -11.55
C HIS A 5 7.70 -3.08 -10.54
N HIS A 6 8.37 -2.41 -9.60
CA HIS A 6 9.15 -3.10 -8.58
C HIS A 6 8.25 -3.69 -7.50
N HIS A 7 7.56 -4.76 -7.84
CA HIS A 7 6.67 -5.46 -6.93
C HIS A 7 7.00 -6.94 -6.97
N SER A 8 7.93 -7.34 -6.11
CA SER A 8 8.39 -8.73 -6.03
C SER A 8 7.24 -9.72 -5.84
N MET A 9 6.43 -9.50 -4.81
CA MET A 9 5.30 -10.38 -4.52
C MET A 9 4.11 -9.59 -4.01
N GLY A 10 2.92 -10.13 -4.22
CA GLY A 10 1.70 -9.48 -3.77
C GLY A 10 0.45 -10.07 -4.39
N ASN A 11 -0.18 -11.00 -3.68
CA ASN A 11 -1.38 -11.66 -4.17
C ASN A 11 -2.45 -11.61 -3.09
N SER A 12 -2.98 -12.78 -2.71
CA SER A 12 -3.97 -12.88 -1.64
C SER A 12 -3.22 -12.96 -0.31
N SER A 13 -1.98 -12.49 -0.39
CA SER A 13 -1.02 -12.42 0.70
C SER A 13 -1.65 -12.00 2.03
N LYS A 14 -1.14 -12.62 3.09
CA LYS A 14 -1.56 -12.35 4.48
C LYS A 14 -1.46 -10.85 4.80
N GLY A 15 -1.66 -10.50 6.07
CA GLY A 15 -1.68 -9.10 6.49
C GLY A 15 -0.67 -8.19 5.78
N VAL A 16 -1.23 -7.33 4.95
CA VAL A 16 -0.48 -6.36 4.19
C VAL A 16 -0.83 -4.97 4.70
N TYR A 17 -0.19 -3.95 4.17
CA TYR A 17 -0.49 -2.59 4.60
C TYR A 17 0.03 -1.55 3.63
N TYR A 18 -0.74 -0.51 3.43
CA TYR A 18 -0.37 0.58 2.56
C TYR A 18 0.42 1.59 3.38
N ARG A 19 1.56 2.02 2.87
CA ARG A 19 2.40 2.95 3.60
C ARG A 19 2.43 4.32 2.94
N ASN A 20 2.71 5.34 3.75
CA ASN A 20 2.77 6.71 3.27
C ASN A 20 3.89 7.45 4.00
N GLU A 21 4.09 8.72 3.67
CA GLU A 21 5.17 9.53 4.27
C GLU A 21 5.04 9.66 5.80
N GLU A 22 3.82 9.58 6.30
CA GLU A 22 3.59 9.71 7.75
C GLU A 22 4.11 8.48 8.49
N GLY A 23 4.42 7.42 7.75
CA GLY A 23 4.94 6.21 8.36
C GLY A 23 3.83 5.29 8.82
N GLN A 24 2.60 5.81 8.80
CA GLN A 24 1.44 5.04 9.21
C GLN A 24 1.12 3.96 8.17
N THR A 25 0.39 2.94 8.59
CA THR A 25 0.05 1.83 7.71
C THR A 25 -1.43 1.46 7.80
N TRP A 26 -2.02 1.10 6.66
CA TRP A 26 -3.43 0.71 6.61
C TRP A 26 -3.59 -0.72 6.07
N SER A 27 -4.45 -1.51 6.70
CA SER A 27 -4.68 -2.88 6.29
C SER A 27 -5.60 -2.96 5.07
N GLY A 28 -6.83 -2.48 5.21
CA GLY A 28 -7.79 -2.52 4.12
C GLY A 28 -9.20 -2.73 4.62
N VAL A 29 -9.33 -3.50 5.67
CA VAL A 29 -10.63 -3.78 6.27
C VAL A 29 -10.97 -2.69 7.28
N GLY A 30 -12.27 -2.39 7.42
CA GLY A 30 -12.68 -1.38 8.38
C GLY A 30 -12.25 0.01 7.99
N ARG A 31 -13.01 0.66 7.11
CA ARG A 31 -12.73 2.03 6.67
C ARG A 31 -11.24 2.27 6.37
N GLN A 32 -10.83 3.53 6.31
CA GLN A 32 -9.45 3.87 6.02
C GLN A 32 -9.01 5.10 6.79
N PRO A 33 -7.69 5.26 7.03
CA PRO A 33 -7.17 6.43 7.74
C PRO A 33 -7.28 7.69 6.89
N ARG A 34 -7.27 8.83 7.58
CA ARG A 34 -7.38 10.15 6.95
C ARG A 34 -6.34 10.40 5.85
N TRP A 35 -5.15 9.81 5.98
CA TRP A 35 -4.08 10.01 4.99
C TRP A 35 -4.21 9.13 3.76
N LEU A 36 -5.03 8.09 3.84
CA LEU A 36 -5.20 7.16 2.72
C LEU A 36 -5.81 7.87 1.53
N LYS A 37 -6.92 8.55 1.76
CA LYS A 37 -7.61 9.28 0.69
C LYS A 37 -6.72 10.35 0.09
N GLU A 38 -5.86 10.94 0.92
CA GLU A 38 -4.94 11.98 0.47
C GLU A 38 -4.00 11.46 -0.61
N ALA A 39 -3.35 10.34 -0.31
CA ALA A 39 -2.43 9.71 -1.25
C ALA A 39 -3.18 9.18 -2.46
N LEU A 40 -4.43 8.77 -2.23
CA LEU A 40 -5.27 8.22 -3.29
C LEU A 40 -5.67 9.31 -4.29
N LEU A 41 -6.08 10.47 -3.80
CA LEU A 41 -6.49 11.57 -4.66
C LEU A 41 -5.29 12.26 -5.31
N ASN A 42 -4.09 11.85 -4.90
CA ASN A 42 -2.86 12.45 -5.42
C ASN A 42 -2.60 12.04 -6.88
N GLY A 43 -3.48 11.19 -7.43
CA GLY A 43 -3.32 10.77 -8.81
C GLY A 43 -2.75 9.37 -8.94
N MET A 44 -2.67 8.67 -7.82
CA MET A 44 -2.14 7.32 -7.81
C MET A 44 -3.07 6.39 -7.06
N LYS A 45 -2.95 5.10 -7.33
CA LYS A 45 -3.78 4.10 -6.68
C LYS A 45 -3.08 3.57 -5.43
N LYS A 46 -3.85 3.11 -4.47
CA LYS A 46 -3.30 2.57 -3.23
C LYS A 46 -2.39 1.38 -3.52
N GLU A 47 -2.73 0.63 -4.57
CA GLU A 47 -1.94 -0.53 -4.98
C GLU A 47 -0.50 -0.16 -5.31
N ASP A 48 -0.28 1.09 -5.73
CA ASP A 48 1.05 1.57 -6.08
C ASP A 48 1.99 1.48 -4.88
N PHE A 49 1.51 1.93 -3.74
CA PHE A 49 2.31 1.92 -2.51
C PHE A 49 1.84 0.80 -1.57
N LEU A 50 1.48 -0.33 -2.17
CA LEU A 50 1.02 -1.48 -1.39
C LEU A 50 2.21 -2.27 -0.84
N VAL A 51 2.30 -2.32 0.47
CA VAL A 51 3.37 -3.03 1.14
C VAL A 51 2.79 -4.25 1.87
N LYS A 52 3.63 -5.21 2.18
CA LYS A 52 3.20 -6.42 2.87
C LYS A 52 4.00 -6.60 4.14
N ASP A 53 3.59 -7.52 5.01
CA ASP A 53 4.36 -7.78 6.24
C ASP A 53 5.77 -8.25 5.86
N THR A 54 5.88 -8.80 4.65
CA THR A 54 7.14 -9.26 4.11
C THR A 54 7.71 -8.19 3.19
N GLU A 55 9.04 -8.15 3.09
CA GLU A 55 9.77 -7.18 2.24
C GLU A 55 9.12 -5.79 2.28
N GLU A 56 9.21 -5.14 3.43
CA GLU A 56 8.64 -3.82 3.60
C GLU A 56 9.73 -2.76 3.54
N GLU A 57 9.39 -1.60 2.99
CA GLU A 57 10.34 -0.51 2.87
C GLU A 57 10.53 0.17 4.22
N SER A 1 7.18 -4.84 -24.09
CA SER A 1 7.29 -4.05 -22.85
C SER A 1 8.66 -4.23 -22.20
N HIS A 2 9.05 -3.30 -21.34
CA HIS A 2 10.34 -3.37 -20.68
C HIS A 2 10.25 -2.89 -19.23
N HIS A 3 11.00 -3.56 -18.35
CA HIS A 3 11.04 -3.24 -16.92
C HIS A 3 9.72 -3.62 -16.23
N HIS A 4 9.84 -4.29 -15.10
CA HIS A 4 8.67 -4.69 -14.33
C HIS A 4 8.71 -4.05 -12.95
N HIS A 5 7.57 -3.56 -12.49
CA HIS A 5 7.47 -2.93 -11.17
C HIS A 5 7.82 -3.93 -10.09
N HIS A 6 8.54 -3.49 -9.07
CA HIS A 6 8.93 -4.36 -7.96
C HIS A 6 7.69 -4.91 -7.27
N HIS A 7 7.34 -6.14 -7.63
CA HIS A 7 6.18 -6.82 -7.08
C HIS A 7 6.57 -8.24 -6.70
N SER A 8 7.35 -8.37 -5.63
CA SER A 8 7.80 -9.67 -5.16
C SER A 8 6.61 -10.59 -4.82
N MET A 9 5.78 -10.15 -3.89
CA MET A 9 4.60 -10.90 -3.51
C MET A 9 3.41 -9.98 -3.31
N GLY A 10 2.21 -10.55 -3.25
CA GLY A 10 1.03 -9.74 -3.04
C GLY A 10 -0.19 -10.31 -3.75
N ASN A 11 -0.93 -11.15 -3.04
CA ASN A 11 -2.14 -11.77 -3.58
C ASN A 11 -3.22 -11.75 -2.51
N SER A 12 -3.74 -12.92 -2.15
CA SER A 12 -4.74 -13.05 -1.10
C SER A 12 -4.02 -13.15 0.25
N SER A 13 -2.75 -12.75 0.19
CA SER A 13 -1.82 -12.73 1.31
C SER A 13 -2.46 -12.20 2.59
N LYS A 14 -2.06 -12.78 3.71
CA LYS A 14 -2.52 -12.39 5.05
C LYS A 14 -2.33 -10.90 5.29
N GLY A 15 -2.54 -10.46 6.53
CA GLY A 15 -2.46 -9.04 6.87
C GLY A 15 -1.39 -8.26 6.13
N VAL A 16 -1.88 -7.34 5.31
CA VAL A 16 -1.06 -6.46 4.52
C VAL A 16 -1.30 -5.05 4.98
N TYR A 17 -0.56 -4.09 4.46
CA TYR A 17 -0.75 -2.72 4.87
C TYR A 17 -0.21 -1.74 3.84
N TYR A 18 -0.96 -0.67 3.62
CA TYR A 18 -0.57 0.36 2.70
C TYR A 18 0.29 1.36 3.45
N ARG A 19 1.43 1.72 2.90
CA ARG A 19 2.33 2.64 3.57
C ARG A 19 2.38 3.98 2.86
N ASN A 20 2.61 5.03 3.63
CA ASN A 20 2.71 6.38 3.09
C ASN A 20 3.94 7.07 3.69
N GLU A 21 4.25 8.27 3.21
CA GLU A 21 5.41 9.03 3.67
C GLU A 21 5.41 9.25 5.19
N GLU A 22 4.24 9.31 5.80
CA GLU A 22 4.13 9.52 7.24
C GLU A 22 4.59 8.27 8.00
N GLY A 23 4.70 7.15 7.30
CA GLY A 23 5.15 5.93 7.93
C GLY A 23 4.02 5.12 8.54
N GLN A 24 2.79 5.59 8.36
CA GLN A 24 1.61 4.90 8.90
C GLN A 24 1.20 3.78 7.95
N THR A 25 0.54 2.76 8.48
CA THR A 25 0.12 1.63 7.69
C THR A 25 -1.37 1.31 7.87
N TRP A 26 -2.03 0.90 6.79
CA TRP A 26 -3.45 0.54 6.83
C TRP A 26 -3.66 -0.88 6.33
N SER A 27 -4.34 -1.70 7.13
CA SER A 27 -4.59 -3.11 6.80
C SER A 27 -5.39 -3.29 5.50
N GLY A 28 -6.39 -2.45 5.27
CA GLY A 28 -7.17 -2.58 4.06
C GLY A 28 -8.64 -2.87 4.34
N VAL A 29 -8.98 -2.94 5.62
CA VAL A 29 -10.35 -3.21 6.05
C VAL A 29 -10.72 -2.19 7.12
N GLY A 30 -12.01 -1.84 7.22
CA GLY A 30 -12.44 -0.90 8.23
C GLY A 30 -12.08 0.52 7.89
N ARG A 31 -12.94 1.17 7.09
CA ARG A 31 -12.74 2.55 6.68
C ARG A 31 -11.34 2.76 6.12
N GLN A 32 -10.90 4.00 6.05
CA GLN A 32 -9.57 4.31 5.56
C GLN A 32 -9.03 5.52 6.30
N PRO A 33 -7.73 5.54 6.59
CA PRO A 33 -7.09 6.66 7.29
C PRO A 33 -7.03 7.89 6.37
N ARG A 34 -6.90 9.06 6.97
CA ARG A 34 -6.87 10.31 6.20
C ARG A 34 -5.74 10.34 5.17
N TRP A 35 -4.58 9.80 5.51
CA TRP A 35 -3.44 9.82 4.61
C TRP A 35 -3.63 8.90 3.40
N LEU A 36 -4.59 7.99 3.49
CA LEU A 36 -4.85 7.08 2.38
C LEU A 36 -5.47 7.85 1.22
N LYS A 37 -6.42 8.72 1.52
CA LYS A 37 -7.08 9.51 0.47
C LYS A 37 -6.09 10.49 -0.14
N GLU A 38 -5.15 10.99 0.67
CA GLU A 38 -4.16 11.95 0.17
C GLU A 38 -3.27 11.29 -0.87
N ALA A 39 -2.82 10.07 -0.57
CA ALA A 39 -1.96 9.33 -1.48
C ALA A 39 -2.75 8.85 -2.70
N LEU A 40 -4.04 8.62 -2.51
CA LEU A 40 -4.91 8.16 -3.59
C LEU A 40 -5.22 9.30 -4.56
N LEU A 41 -5.52 10.48 -4.03
CA LEU A 41 -5.84 11.63 -4.87
C LEU A 41 -4.60 12.16 -5.57
N ASN A 42 -3.44 11.62 -5.21
CA ASN A 42 -2.16 12.04 -5.82
C ASN A 42 -2.12 11.67 -7.30
N GLY A 43 -2.96 10.74 -7.71
CA GLY A 43 -3.01 10.33 -9.09
C GLY A 43 -2.54 8.91 -9.32
N MET A 44 -2.56 8.10 -8.26
CA MET A 44 -2.13 6.71 -8.37
C MET A 44 -3.12 5.81 -7.63
N LYS A 45 -2.91 4.52 -7.73
CA LYS A 45 -3.79 3.55 -7.07
C LYS A 45 -3.19 3.14 -5.73
N LYS A 46 -4.03 2.58 -4.85
CA LYS A 46 -3.56 2.16 -3.53
C LYS A 46 -2.60 0.97 -3.63
N GLU A 47 -2.76 0.17 -4.68
CA GLU A 47 -1.92 -1.00 -4.91
C GLU A 47 -0.45 -0.62 -5.11
N ASP A 48 -0.22 0.59 -5.61
CA ASP A 48 1.15 1.08 -5.87
C ASP A 48 2.00 1.06 -4.60
N PHE A 49 1.40 1.39 -3.48
CA PHE A 49 2.13 1.42 -2.21
C PHE A 49 1.59 0.37 -1.25
N LEU A 50 1.17 -0.76 -1.82
CA LEU A 50 0.64 -1.85 -1.03
C LEU A 50 1.75 -2.76 -0.52
N VAL A 51 2.03 -2.66 0.77
CA VAL A 51 3.04 -3.48 1.39
C VAL A 51 2.36 -4.65 2.10
N LYS A 52 3.10 -5.70 2.40
CA LYS A 52 2.53 -6.87 3.02
C LYS A 52 3.23 -7.16 4.34
N ASP A 53 2.68 -8.12 5.11
CA ASP A 53 3.29 -8.55 6.38
C ASP A 53 4.75 -8.93 6.14
N THR A 54 5.02 -9.42 4.94
CA THR A 54 6.35 -9.80 4.51
C THR A 54 6.89 -8.74 3.56
N GLU A 55 8.22 -8.65 3.43
CA GLU A 55 8.88 -7.65 2.57
C GLU A 55 8.31 -6.25 2.84
N GLU A 56 8.54 -5.77 4.04
CA GLU A 56 8.04 -4.47 4.48
C GLU A 56 8.94 -3.34 4.01
N GLU A 57 8.35 -2.18 3.81
CA GLU A 57 9.07 -1.00 3.37
C GLU A 57 9.47 -0.15 4.56
N SER A 1 6.55 -5.19 -24.24
CA SER A 1 6.63 -4.88 -22.80
C SER A 1 8.08 -5.00 -22.32
N HIS A 2 8.43 -4.26 -21.28
CA HIS A 2 9.78 -4.27 -20.72
C HIS A 2 9.76 -3.81 -19.26
N HIS A 3 10.42 -4.58 -18.40
CA HIS A 3 10.53 -4.29 -16.96
C HIS A 3 9.18 -4.47 -16.25
N HIS A 4 9.23 -4.93 -15.01
CA HIS A 4 8.03 -5.13 -14.21
C HIS A 4 8.22 -4.56 -12.82
N HIS A 5 7.11 -4.17 -12.20
CA HIS A 5 7.15 -3.60 -10.85
C HIS A 5 7.68 -4.63 -9.86
N HIS A 6 8.82 -4.32 -9.24
CA HIS A 6 9.45 -5.20 -8.27
C HIS A 6 8.54 -5.46 -7.07
N HIS A 7 8.13 -6.71 -6.94
CA HIS A 7 7.28 -7.14 -5.83
C HIS A 7 7.48 -8.63 -5.60
N SER A 8 7.70 -9.01 -4.36
CA SER A 8 7.93 -10.41 -4.03
C SER A 8 6.61 -11.10 -3.70
N MET A 9 5.71 -10.38 -3.02
CA MET A 9 4.42 -10.92 -2.64
C MET A 9 3.29 -9.93 -2.91
N GLY A 10 2.07 -10.42 -2.99
CA GLY A 10 0.92 -9.56 -3.23
C GLY A 10 -0.29 -10.32 -3.73
N ASN A 11 -0.91 -11.09 -2.84
CA ASN A 11 -2.10 -11.87 -3.19
C ASN A 11 -3.10 -11.82 -2.03
N SER A 12 -3.59 -12.99 -1.60
CA SER A 12 -4.51 -13.08 -0.47
C SER A 12 -3.73 -12.98 0.84
N SER A 13 -2.54 -12.41 0.70
CA SER A 13 -1.58 -12.17 1.77
C SER A 13 -2.21 -11.70 3.08
N LYS A 14 -1.67 -12.18 4.18
CA LYS A 14 -2.10 -11.81 5.53
C LYS A 14 -2.06 -10.29 5.70
N GLY A 15 -2.29 -9.81 6.92
CA GLY A 15 -2.35 -8.38 7.18
C GLY A 15 -1.33 -7.57 6.40
N VAL A 16 -1.87 -6.79 5.46
CA VAL A 16 -1.08 -5.94 4.60
C VAL A 16 -1.04 -4.54 5.18
N TYR A 17 -0.21 -3.67 4.62
CA TYR A 17 -0.09 -2.32 5.12
C TYR A 17 0.09 -1.32 4.00
N TYR A 18 -0.85 -0.40 3.88
CA TYR A 18 -0.75 0.65 2.89
C TYR A 18 0.07 1.76 3.53
N ARG A 19 1.16 2.16 2.89
CA ARG A 19 2.02 3.19 3.46
C ARG A 19 2.03 4.45 2.60
N ASN A 20 2.42 5.55 3.20
CA ASN A 20 2.47 6.83 2.52
C ASN A 20 3.59 7.69 3.09
N GLU A 21 3.67 8.95 2.65
CA GLU A 21 4.69 9.89 3.10
C GLU A 21 4.66 10.12 4.61
N GLU A 22 3.46 10.11 5.20
CA GLU A 22 3.31 10.34 6.63
C GLU A 22 3.78 9.13 7.44
N GLY A 23 4.05 8.03 6.76
CA GLY A 23 4.51 6.83 7.43
C GLY A 23 3.39 6.04 8.09
N GLN A 24 2.16 6.44 7.84
CA GLN A 24 1.00 5.76 8.42
C GLN A 24 0.70 4.49 7.64
N THR A 25 0.00 3.55 8.26
CA THR A 25 -0.32 2.28 7.62
C THR A 25 -1.81 1.93 7.72
N TRP A 26 -2.32 1.24 6.70
CA TRP A 26 -3.71 0.82 6.68
C TRP A 26 -3.80 -0.67 6.28
N SER A 27 -4.67 -1.43 6.94
CA SER A 27 -4.82 -2.86 6.65
C SER A 27 -5.67 -3.12 5.40
N GLY A 28 -6.65 -2.27 5.13
CA GLY A 28 -7.49 -2.46 3.97
C GLY A 28 -8.91 -2.84 4.34
N VAL A 29 -9.16 -3.00 5.63
CA VAL A 29 -10.48 -3.36 6.15
C VAL A 29 -10.87 -2.37 7.23
N GLY A 30 -12.18 -2.14 7.41
CA GLY A 30 -12.60 -1.20 8.45
C GLY A 30 -12.25 0.21 8.11
N ARG A 31 -13.14 0.88 7.38
CA ARG A 31 -12.95 2.27 6.96
C ARG A 31 -11.54 2.55 6.47
N GLN A 32 -11.14 3.81 6.40
CA GLN A 32 -9.82 4.15 5.91
C GLN A 32 -9.33 5.46 6.50
N PRO A 33 -8.01 5.60 6.66
CA PRO A 33 -7.42 6.84 7.16
C PRO A 33 -7.63 7.96 6.15
N ARG A 34 -7.57 9.21 6.61
CA ARG A 34 -7.81 10.35 5.72
C ARG A 34 -6.80 10.44 4.58
N TRP A 35 -5.56 10.04 4.84
CA TRP A 35 -4.50 10.12 3.82
C TRP A 35 -4.70 9.12 2.68
N LEU A 36 -5.50 8.09 2.92
CA LEU A 36 -5.73 7.06 1.91
C LEU A 36 -6.33 7.67 0.65
N LYS A 37 -7.40 8.44 0.81
CA LYS A 37 -8.06 9.06 -0.33
C LYS A 37 -7.16 10.13 -0.96
N GLU A 38 -6.34 10.78 -0.14
CA GLU A 38 -5.45 11.83 -0.64
C GLU A 38 -4.42 11.24 -1.59
N ALA A 39 -3.85 10.10 -1.20
CA ALA A 39 -2.86 9.43 -2.02
C ALA A 39 -3.52 8.82 -3.26
N LEU A 40 -4.78 8.45 -3.11
CA LEU A 40 -5.55 7.86 -4.20
C LEU A 40 -5.94 8.92 -5.22
N LEU A 41 -6.37 10.08 -4.75
CA LEU A 41 -6.76 11.17 -5.64
C LEU A 41 -5.55 11.84 -6.26
N ASN A 42 -4.36 11.46 -5.80
CA ASN A 42 -3.11 12.02 -6.31
C ASN A 42 -2.85 11.58 -7.75
N GLY A 43 -3.62 10.59 -8.21
CA GLY A 43 -3.47 10.12 -9.57
C GLY A 43 -2.93 8.71 -9.63
N MET A 44 -2.68 8.12 -8.47
CA MET A 44 -2.18 6.76 -8.39
C MET A 44 -3.14 5.89 -7.60
N LYS A 45 -3.04 4.59 -7.77
CA LYS A 45 -3.90 3.66 -7.06
C LYS A 45 -3.26 3.24 -5.75
N LYS A 46 -4.07 2.78 -4.81
CA LYS A 46 -3.58 2.35 -3.50
C LYS A 46 -2.64 1.15 -3.65
N GLU A 47 -2.87 0.38 -4.69
CA GLU A 47 -2.06 -0.80 -4.98
C GLU A 47 -0.60 -0.43 -5.26
N ASP A 48 -0.38 0.79 -5.77
CA ASP A 48 0.97 1.26 -6.10
C ASP A 48 1.85 1.34 -4.87
N PHE A 49 1.26 1.58 -3.70
CA PHE A 49 2.01 1.69 -2.46
C PHE A 49 1.54 0.64 -1.46
N LEU A 50 1.08 -0.49 -1.98
CA LEU A 50 0.58 -1.57 -1.14
C LEU A 50 1.69 -2.51 -0.67
N VAL A 51 2.10 -2.36 0.58
CA VAL A 51 3.10 -3.22 1.17
C VAL A 51 2.39 -4.25 2.03
N LYS A 52 3.05 -5.34 2.35
CA LYS A 52 2.44 -6.39 3.14
C LYS A 52 3.23 -6.63 4.41
N ASP A 53 2.72 -7.50 5.30
CA ASP A 53 3.45 -7.87 6.51
C ASP A 53 4.90 -8.23 6.15
N THR A 54 5.04 -8.75 4.93
CA THR A 54 6.34 -9.11 4.37
C THR A 54 6.71 -8.05 3.32
N GLU A 55 8.00 -7.91 3.01
CA GLU A 55 8.48 -6.91 2.04
C GLU A 55 7.96 -5.51 2.39
N GLU A 56 8.20 -5.12 3.64
CA GLU A 56 7.75 -3.82 4.12
C GLU A 56 8.74 -2.73 3.75
N GLU A 57 8.24 -1.52 3.59
CA GLU A 57 9.06 -0.38 3.24
C GLU A 57 9.80 0.13 4.47
N SER A 1 6.09 -5.35 -23.81
CA SER A 1 5.98 -6.13 -22.57
C SER A 1 6.09 -5.23 -21.35
N HIS A 2 5.12 -5.32 -20.45
CA HIS A 2 5.11 -4.49 -19.25
C HIS A 2 5.97 -5.16 -18.17
N HIS A 3 7.22 -4.74 -18.05
CA HIS A 3 8.13 -5.31 -17.07
C HIS A 3 8.39 -4.34 -15.93
N HIS A 4 7.48 -4.30 -14.98
CA HIS A 4 7.61 -3.43 -13.83
C HIS A 4 7.30 -4.21 -12.56
N HIS A 5 8.05 -3.96 -11.50
CA HIS A 5 7.84 -4.65 -10.23
C HIS A 5 6.49 -4.28 -9.63
N HIS A 6 6.34 -3.01 -9.27
CA HIS A 6 5.11 -2.48 -8.69
C HIS A 6 4.81 -3.11 -7.32
N HIS A 7 5.66 -4.05 -6.90
CA HIS A 7 5.53 -4.77 -5.62
C HIS A 7 4.10 -5.21 -5.36
N SER A 8 3.40 -5.59 -6.42
CA SER A 8 2.03 -6.03 -6.32
C SER A 8 1.94 -7.54 -6.13
N MET A 9 2.76 -8.27 -6.91
CA MET A 9 2.81 -9.74 -6.88
C MET A 9 1.43 -10.37 -6.70
N GLY A 10 1.17 -10.97 -5.55
CA GLY A 10 -0.12 -11.59 -5.32
C GLY A 10 -0.17 -12.37 -4.03
N ASN A 11 -0.61 -11.72 -2.97
CA ASN A 11 -0.71 -12.36 -1.66
C ASN A 11 -1.69 -11.60 -0.78
N SER A 12 -2.72 -12.28 -0.32
CA SER A 12 -3.72 -11.68 0.55
C SER A 12 -4.09 -12.65 1.67
N SER A 13 -3.25 -13.67 1.84
CA SER A 13 -3.45 -14.69 2.86
C SER A 13 -2.37 -14.56 3.92
N LYS A 14 -1.68 -13.44 3.91
CA LYS A 14 -0.62 -13.15 4.86
C LYS A 14 -0.70 -11.70 5.30
N GLY A 15 0.18 -11.28 6.17
CA GLY A 15 0.20 -9.90 6.63
C GLY A 15 0.39 -8.92 5.49
N VAL A 16 -0.67 -8.23 5.13
CA VAL A 16 -0.63 -7.26 4.05
C VAL A 16 -1.20 -5.94 4.54
N TYR A 17 -0.48 -4.85 4.30
CA TYR A 17 -0.92 -3.53 4.73
C TYR A 17 -0.35 -2.44 3.83
N TYR A 18 -0.99 -1.30 3.81
CA TYR A 18 -0.55 -0.17 2.99
C TYR A 18 0.37 0.73 3.82
N ARG A 19 1.51 1.10 3.25
CA ARG A 19 2.47 1.94 3.97
C ARG A 19 2.76 3.22 3.20
N ASN A 20 2.63 4.35 3.86
CA ASN A 20 2.91 5.64 3.24
C ASN A 20 4.27 6.15 3.69
N GLU A 21 4.66 7.30 3.17
CA GLU A 21 5.96 7.91 3.45
C GLU A 21 6.17 8.20 4.95
N GLU A 22 5.09 8.39 5.69
CA GLU A 22 5.17 8.67 7.12
C GLU A 22 5.63 7.44 7.91
N GLY A 23 5.43 6.25 7.34
CA GLY A 23 5.86 5.03 8.00
C GLY A 23 4.75 4.20 8.60
N GLN A 24 3.60 4.79 8.88
CA GLN A 24 2.50 4.00 9.46
C GLN A 24 1.85 3.13 8.40
N THR A 25 1.19 2.06 8.84
CA THR A 25 0.59 1.12 7.92
C THR A 25 -0.92 0.96 8.14
N TRP A 26 -1.63 0.71 7.04
CA TRP A 26 -3.08 0.51 7.08
C TRP A 26 -3.37 -0.95 6.80
N SER A 27 -4.04 -1.61 7.75
CA SER A 27 -4.37 -3.02 7.63
C SER A 27 -5.22 -3.30 6.40
N GLY A 28 -5.98 -2.29 5.97
CA GLY A 28 -6.81 -2.44 4.79
C GLY A 28 -8.11 -3.14 5.12
N VAL A 29 -8.61 -2.91 6.32
CA VAL A 29 -9.84 -3.52 6.77
C VAL A 29 -10.90 -2.47 7.08
N GLY A 30 -12.12 -2.71 6.61
CA GLY A 30 -13.21 -1.78 6.85
C GLY A 30 -12.98 -0.39 6.30
N ARG A 31 -12.72 0.56 7.19
CA ARG A 31 -12.50 1.95 6.81
C ARG A 31 -11.02 2.24 6.57
N GLN A 32 -10.73 3.44 6.08
CA GLN A 32 -9.36 3.85 5.80
C GLN A 32 -8.96 5.07 6.65
N PRO A 33 -7.67 5.20 6.96
CA PRO A 33 -7.17 6.33 7.75
C PRO A 33 -7.11 7.61 6.92
N ARG A 34 -6.82 8.72 7.58
CA ARG A 34 -6.76 10.02 6.92
C ARG A 34 -5.69 10.09 5.84
N TRP A 35 -4.46 9.69 6.17
CA TRP A 35 -3.34 9.75 5.22
C TRP A 35 -3.59 8.89 3.99
N LEU A 36 -4.44 7.87 4.12
CA LEU A 36 -4.73 7.00 3.00
C LEU A 36 -5.41 7.80 1.90
N LYS A 37 -6.35 8.62 2.29
CA LYS A 37 -7.09 9.46 1.34
C LYS A 37 -6.17 10.52 0.75
N GLU A 38 -5.32 11.11 1.59
CA GLU A 38 -4.40 12.16 1.15
C GLU A 38 -3.42 11.61 0.11
N ALA A 39 -2.85 10.44 0.37
CA ALA A 39 -1.93 9.83 -0.56
C ALA A 39 -2.65 9.37 -1.82
N LEU A 40 -3.92 9.01 -1.64
CA LEU A 40 -4.76 8.55 -2.74
C LEU A 40 -5.06 9.69 -3.72
N LEU A 41 -5.40 10.86 -3.18
CA LEU A 41 -5.73 12.01 -4.01
C LEU A 41 -4.45 12.68 -4.53
N ASN A 42 -3.31 12.26 -4.00
CA ASN A 42 -2.01 12.81 -4.41
C ASN A 42 -1.70 12.46 -5.86
N GLY A 43 -2.48 11.53 -6.41
CA GLY A 43 -2.27 11.14 -7.80
C GLY A 43 -1.76 9.72 -7.94
N MET A 44 -1.56 9.05 -6.81
CA MET A 44 -1.07 7.69 -6.82
C MET A 44 -2.15 6.74 -6.33
N LYS A 45 -2.04 5.48 -6.71
CA LYS A 45 -3.00 4.48 -6.29
C LYS A 45 -2.53 3.82 -5.00
N LYS A 46 -3.47 3.29 -4.23
CA LYS A 46 -3.14 2.65 -2.96
C LYS A 46 -2.21 1.45 -3.17
N GLU A 47 -2.40 0.76 -4.28
CA GLU A 47 -1.60 -0.42 -4.61
C GLU A 47 -0.13 -0.05 -4.81
N ASP A 48 0.12 1.20 -5.19
CA ASP A 48 1.48 1.67 -5.44
C ASP A 48 2.31 1.71 -4.16
N PHE A 49 1.66 1.94 -3.02
CA PHE A 49 2.38 2.00 -1.75
C PHE A 49 1.98 0.82 -0.85
N LEU A 50 1.65 -0.29 -1.48
CA LEU A 50 1.26 -1.50 -0.78
C LEU A 50 2.49 -2.27 -0.31
N VAL A 51 2.54 -2.61 0.97
CA VAL A 51 3.65 -3.38 1.52
C VAL A 51 3.12 -4.69 2.08
N LYS A 52 3.93 -5.74 2.00
CA LYS A 52 3.50 -7.04 2.49
C LYS A 52 4.52 -7.61 3.44
N ASP A 53 4.14 -8.68 4.13
CA ASP A 53 5.04 -9.37 5.05
C ASP A 53 6.16 -10.02 4.26
N THR A 54 5.88 -10.21 2.97
CA THR A 54 6.83 -10.78 2.04
C THR A 54 7.37 -9.66 1.15
N GLU A 55 8.65 -9.76 0.78
CA GLU A 55 9.34 -8.76 -0.06
C GLU A 55 9.01 -7.33 0.40
N GLU A 56 9.38 -7.02 1.63
CA GLU A 56 9.13 -5.72 2.22
C GLU A 56 10.35 -4.82 2.02
N GLU A 57 10.12 -3.52 1.96
CA GLU A 57 11.20 -2.55 1.78
C GLU A 57 11.72 -2.10 3.14
N SER A 1 10.24 -6.05 -21.84
CA SER A 1 10.15 -5.07 -20.76
C SER A 1 11.52 -4.85 -20.12
N HIS A 2 11.62 -3.83 -19.29
CA HIS A 2 12.88 -3.52 -18.62
C HIS A 2 12.67 -3.48 -17.11
N HIS A 3 13.34 -4.39 -16.40
CA HIS A 3 13.27 -4.48 -14.95
C HIS A 3 11.84 -4.74 -14.46
N HIS A 4 11.63 -4.57 -13.17
CA HIS A 4 10.33 -4.75 -12.55
C HIS A 4 10.33 -4.08 -11.17
N HIS A 5 9.15 -3.89 -10.58
CA HIS A 5 9.06 -3.26 -9.28
C HIS A 5 9.38 -4.26 -8.17
N HIS A 6 9.98 -3.76 -7.10
CA HIS A 6 10.35 -4.58 -5.94
C HIS A 6 9.11 -5.18 -5.28
N HIS A 7 8.83 -6.43 -5.60
CA HIS A 7 7.67 -7.13 -5.05
C HIS A 7 8.02 -8.59 -4.82
N SER A 8 8.62 -8.87 -3.67
CA SER A 8 9.03 -10.22 -3.32
C SER A 8 7.84 -11.16 -3.14
N MET A 9 6.88 -10.76 -2.33
CA MET A 9 5.69 -11.57 -2.09
C MET A 9 4.48 -10.67 -1.81
N GLY A 10 3.29 -11.21 -2.02
CA GLY A 10 2.08 -10.46 -1.77
C GLY A 10 0.88 -11.02 -2.52
N ASN A 11 0.06 -11.80 -1.83
CA ASN A 11 -1.14 -12.41 -2.40
C ASN A 11 -2.22 -12.53 -1.33
N SER A 12 -2.44 -13.75 -0.83
CA SER A 12 -3.41 -13.98 0.23
C SER A 12 -2.68 -13.87 1.57
N SER A 13 -1.55 -13.19 1.49
CA SER A 13 -0.66 -12.91 2.60
C SER A 13 -1.39 -12.42 3.85
N LYS A 14 -0.89 -12.85 5.01
CA LYS A 14 -1.44 -12.45 6.31
C LYS A 14 -1.48 -10.92 6.42
N GLY A 15 -1.83 -10.41 7.60
CA GLY A 15 -1.98 -8.98 7.80
C GLY A 15 -0.96 -8.10 7.08
N VAL A 16 -1.44 -7.47 6.01
CA VAL A 16 -0.66 -6.56 5.20
C VAL A 16 -1.14 -5.15 5.47
N TYR A 17 -0.32 -4.15 5.20
CA TYR A 17 -0.71 -2.77 5.44
C TYR A 17 0.04 -1.80 4.55
N TYR A 18 -0.60 -0.70 4.23
CA TYR A 18 0.01 0.32 3.40
C TYR A 18 0.77 1.29 4.30
N ARG A 19 1.99 1.65 3.91
CA ARG A 19 2.80 2.56 4.72
C ARG A 19 2.97 3.90 4.00
N ASN A 20 3.18 4.95 4.78
CA ASN A 20 3.35 6.28 4.23
C ASN A 20 4.41 7.05 5.01
N GLU A 21 4.57 8.34 4.70
CA GLU A 21 5.56 9.18 5.36
C GLU A 21 5.37 9.23 6.87
N GLU A 22 4.11 9.13 7.32
CA GLU A 22 3.79 9.16 8.74
C GLU A 22 4.26 7.89 9.44
N GLY A 23 4.52 6.85 8.67
CA GLY A 23 4.95 5.59 9.24
C GLY A 23 3.78 4.70 9.62
N GLN A 24 2.58 5.30 9.61
CA GLN A 24 1.36 4.58 9.95
C GLN A 24 1.07 3.50 8.91
N THR A 25 0.31 2.50 9.31
CA THR A 25 -0.01 1.38 8.42
C THR A 25 -1.51 1.07 8.41
N TRP A 26 -2.07 0.90 7.22
CA TRP A 26 -3.49 0.57 7.05
C TRP A 26 -3.64 -0.84 6.50
N SER A 27 -4.31 -1.71 7.25
CA SER A 27 -4.51 -3.10 6.85
C SER A 27 -5.51 -3.26 5.71
N GLY A 28 -6.30 -2.22 5.44
CA GLY A 28 -7.26 -2.31 4.36
C GLY A 28 -8.65 -2.67 4.86
N VAL A 29 -8.77 -2.84 6.16
CA VAL A 29 -10.04 -3.20 6.79
C VAL A 29 -10.61 -1.99 7.52
N GLY A 30 -11.94 -2.01 7.75
CA GLY A 30 -12.62 -0.94 8.49
C GLY A 30 -12.21 0.44 8.09
N ARG A 31 -13.00 1.07 7.21
CA ARG A 31 -12.73 2.44 6.76
C ARG A 31 -11.26 2.70 6.46
N GLN A 32 -10.85 3.97 6.40
CA GLN A 32 -9.46 4.29 6.09
C GLN A 32 -8.97 5.48 6.89
N PRO A 33 -7.65 5.58 7.10
CA PRO A 33 -7.04 6.70 7.81
C PRO A 33 -6.94 7.95 6.93
N ARG A 34 -6.41 9.02 7.50
CA ARG A 34 -6.29 10.30 6.80
C ARG A 34 -5.27 10.26 5.67
N TRP A 35 -4.05 9.83 5.98
CA TRP A 35 -2.95 9.78 5.01
C TRP A 35 -3.21 8.86 3.81
N LEU A 36 -4.18 7.95 3.92
CA LEU A 36 -4.47 7.04 2.83
C LEU A 36 -4.91 7.80 1.58
N LYS A 37 -5.81 8.75 1.76
CA LYS A 37 -6.31 9.53 0.64
C LYS A 37 -5.21 10.44 0.09
N GLU A 38 -4.31 10.85 0.96
CA GLU A 38 -3.20 11.74 0.58
C GLU A 38 -2.28 11.07 -0.43
N ALA A 39 -1.88 9.84 -0.13
CA ALA A 39 -1.00 9.09 -0.99
C ALA A 39 -1.74 8.63 -2.26
N LEU A 40 -3.03 8.38 -2.10
CA LEU A 40 -3.85 7.93 -3.22
C LEU A 40 -4.08 9.06 -4.23
N LEU A 41 -4.42 10.25 -3.71
CA LEU A 41 -4.67 11.41 -4.57
C LEU A 41 -3.37 11.93 -5.17
N ASN A 42 -2.26 11.40 -4.69
CA ASN A 42 -0.94 11.81 -5.18
C ASN A 42 -0.74 11.36 -6.63
N GLY A 43 -1.60 10.47 -7.08
CA GLY A 43 -1.51 9.99 -8.44
C GLY A 43 -0.90 8.61 -8.55
N MET A 44 -0.54 8.05 -7.40
CA MET A 44 0.07 6.73 -7.36
C MET A 44 -0.88 5.71 -6.76
N LYS A 45 -0.76 4.48 -7.20
CA LYS A 45 -1.58 3.38 -6.70
C LYS A 45 -1.19 3.06 -5.26
N LYS A 46 -2.17 2.70 -4.43
CA LYS A 46 -1.91 2.37 -3.04
C LYS A 46 -1.03 1.13 -2.94
N GLU A 47 -1.17 0.25 -3.93
CA GLU A 47 -0.43 -1.00 -4.00
C GLU A 47 1.07 -0.76 -4.07
N ASP A 48 1.47 0.40 -4.59
CA ASP A 48 2.89 0.73 -4.74
C ASP A 48 3.60 0.80 -3.40
N PHE A 49 2.89 1.22 -2.36
CA PHE A 49 3.48 1.32 -1.04
C PHE A 49 2.85 0.29 -0.09
N LEU A 50 2.47 -0.85 -0.65
CA LEU A 50 1.87 -1.92 0.13
C LEU A 50 2.95 -2.79 0.78
N VAL A 51 2.97 -2.78 2.10
CA VAL A 51 3.92 -3.56 2.85
C VAL A 51 3.17 -4.66 3.62
N LYS A 52 3.87 -5.68 4.05
CA LYS A 52 3.22 -6.76 4.77
C LYS A 52 3.92 -7.02 6.09
N ASP A 53 3.33 -7.87 6.93
CA ASP A 53 3.95 -8.24 8.20
C ASP A 53 5.34 -8.82 7.91
N THR A 54 5.44 -9.49 6.78
CA THR A 54 6.68 -10.08 6.33
C THR A 54 7.37 -9.15 5.37
N GLU A 55 8.66 -8.91 5.58
CA GLU A 55 9.44 -8.00 4.74
C GLU A 55 8.89 -6.59 4.93
N GLU A 56 9.01 -6.08 6.14
CA GLU A 56 8.50 -4.76 6.49
C GLU A 56 9.47 -3.66 6.13
N GLU A 57 8.93 -2.48 5.86
CA GLU A 57 9.72 -1.32 5.50
C GLU A 57 10.02 -0.48 6.74
N SER A 1 7.16 -4.33 -23.25
CA SER A 1 7.35 -3.52 -22.04
C SER A 1 8.77 -3.63 -21.52
N HIS A 2 9.22 -2.62 -20.78
CA HIS A 2 10.57 -2.62 -20.23
C HIS A 2 10.55 -2.20 -18.77
N HIS A 3 11.42 -2.82 -17.99
CA HIS A 3 11.55 -2.54 -16.56
C HIS A 3 10.34 -3.08 -15.78
N HIS A 4 10.61 -3.70 -14.63
CA HIS A 4 9.54 -4.25 -13.81
C HIS A 4 9.35 -3.39 -12.57
N HIS A 5 8.12 -3.28 -12.10
CA HIS A 5 7.80 -2.49 -10.92
C HIS A 5 8.19 -3.24 -9.66
N HIS A 6 8.74 -2.52 -8.69
CA HIS A 6 9.15 -3.10 -7.42
C HIS A 6 8.00 -3.79 -6.71
N HIS A 7 8.09 -5.11 -6.58
CA HIS A 7 7.05 -5.91 -5.93
C HIS A 7 7.63 -7.24 -5.46
N SER A 8 7.51 -7.51 -4.17
CA SER A 8 8.03 -8.73 -3.57
C SER A 8 7.26 -9.97 -4.05
N MET A 9 5.95 -9.97 -3.87
CA MET A 9 5.13 -11.09 -4.26
C MET A 9 3.68 -10.65 -4.49
N GLY A 10 2.74 -11.61 -4.38
CA GLY A 10 1.34 -11.31 -4.60
C GLY A 10 0.67 -10.56 -3.45
N ASN A 11 -0.65 -10.42 -3.53
CA ASN A 11 -1.40 -9.69 -2.50
C ASN A 11 -2.29 -10.64 -1.69
N SER A 12 -2.33 -11.91 -2.07
CA SER A 12 -3.11 -12.91 -1.35
C SER A 12 -2.49 -13.16 0.02
N SER A 13 -1.24 -12.71 0.13
CA SER A 13 -0.45 -12.77 1.33
C SER A 13 -1.22 -12.21 2.53
N LYS A 14 -0.96 -12.77 3.72
CA LYS A 14 -1.62 -12.36 4.96
C LYS A 14 -1.50 -10.83 5.18
N GLY A 15 -1.93 -10.37 6.35
CA GLY A 15 -2.00 -8.94 6.64
C GLY A 15 -0.90 -8.09 6.02
N VAL A 16 -1.35 -7.27 5.09
CA VAL A 16 -0.52 -6.32 4.37
C VAL A 16 -0.94 -4.93 4.76
N TYR A 17 -0.14 -3.92 4.45
CA TYR A 17 -0.48 -2.57 4.82
C TYR A 17 -0.16 -1.58 3.72
N TYR A 18 -0.74 -0.41 3.86
CA TYR A 18 -0.49 0.69 2.94
C TYR A 18 0.34 1.71 3.69
N ARG A 19 1.52 2.05 3.18
CA ARG A 19 2.39 2.99 3.87
C ARG A 19 2.45 4.32 3.13
N ASN A 20 2.27 5.39 3.88
CA ASN A 20 2.31 6.74 3.34
C ASN A 20 3.43 7.54 4.00
N GLU A 21 3.55 8.80 3.63
CA GLU A 21 4.58 9.70 4.16
C GLU A 21 4.52 9.84 5.69
N GLU A 22 3.32 9.70 6.25
CA GLU A 22 3.15 9.81 7.70
C GLU A 22 3.75 8.60 8.41
N GLY A 23 4.03 7.54 7.66
CA GLY A 23 4.59 6.35 8.25
C GLY A 23 3.55 5.42 8.81
N GLN A 24 2.30 5.86 8.78
CA GLN A 24 1.19 5.04 9.27
C GLN A 24 0.84 3.96 8.26
N THR A 25 0.42 2.80 8.76
CA THR A 25 0.09 1.69 7.89
C THR A 25 -1.38 1.26 8.04
N TRP A 26 -2.04 1.05 6.91
CA TRP A 26 -3.45 0.64 6.89
C TRP A 26 -3.57 -0.80 6.43
N SER A 27 -4.31 -1.62 7.17
CA SER A 27 -4.48 -3.03 6.82
C SER A 27 -5.35 -3.22 5.56
N GLY A 28 -6.26 -2.28 5.31
CA GLY A 28 -7.10 -2.38 4.14
C GLY A 28 -8.52 -2.78 4.48
N VAL A 29 -8.81 -2.93 5.76
CA VAL A 29 -10.13 -3.32 6.23
C VAL A 29 -10.58 -2.37 7.33
N GLY A 30 -11.88 -2.12 7.43
CA GLY A 30 -12.41 -1.25 8.47
C GLY A 30 -12.14 0.21 8.22
N ARG A 31 -13.10 0.86 7.57
CA ARG A 31 -13.02 2.29 7.27
C ARG A 31 -11.71 2.63 6.57
N GLN A 32 -11.36 3.89 6.60
CA GLN A 32 -10.14 4.37 6.00
C GLN A 32 -9.48 5.43 6.86
N PRO A 33 -8.15 5.41 6.97
CA PRO A 33 -7.42 6.45 7.68
C PRO A 33 -7.38 7.71 6.82
N ARG A 34 -7.61 8.86 7.44
CA ARG A 34 -7.66 10.15 6.75
C ARG A 34 -6.49 10.41 5.77
N TRP A 35 -5.36 9.74 5.94
CA TRP A 35 -4.21 9.97 5.04
C TRP A 35 -4.25 9.11 3.78
N LEU A 36 -5.06 8.07 3.78
CA LEU A 36 -5.14 7.17 2.62
C LEU A 36 -5.70 7.89 1.41
N LYS A 37 -6.74 8.69 1.63
CA LYS A 37 -7.37 9.42 0.54
C LYS A 37 -6.42 10.44 -0.09
N GLU A 38 -5.47 10.94 0.71
CA GLU A 38 -4.51 11.93 0.23
C GLU A 38 -3.66 11.33 -0.88
N ALA A 39 -3.16 10.11 -0.65
CA ALA A 39 -2.35 9.42 -1.64
C ALA A 39 -3.21 8.94 -2.79
N LEU A 40 -4.48 8.71 -2.50
CA LEU A 40 -5.44 8.26 -3.50
C LEU A 40 -5.69 9.35 -4.54
N LEU A 41 -5.99 10.55 -4.06
CA LEU A 41 -6.27 11.68 -4.95
C LEU A 41 -5.00 12.20 -5.59
N ASN A 42 -3.85 11.69 -5.16
CA ASN A 42 -2.56 12.10 -5.70
C ASN A 42 -2.45 11.71 -7.18
N GLY A 43 -3.21 10.71 -7.58
CA GLY A 43 -3.19 10.28 -8.96
C GLY A 43 -2.57 8.90 -9.13
N MET A 44 -2.39 8.19 -8.03
CA MET A 44 -1.79 6.85 -8.09
C MET A 44 -2.61 5.87 -7.28
N LYS A 45 -2.55 4.60 -7.68
CA LYS A 45 -3.27 3.54 -7.00
C LYS A 45 -2.64 3.24 -5.65
N LYS A 46 -3.46 3.00 -4.65
CA LYS A 46 -2.98 2.68 -3.31
C LYS A 46 -2.17 1.38 -3.31
N GLU A 47 -2.49 0.51 -4.26
CA GLU A 47 -1.82 -0.78 -4.42
C GLU A 47 -0.34 -0.59 -4.78
N ASP A 48 -0.02 0.54 -5.42
CA ASP A 48 1.36 0.81 -5.84
C ASP A 48 2.30 0.90 -4.65
N PHE A 49 1.83 1.51 -3.56
CA PHE A 49 2.65 1.65 -2.37
C PHE A 49 2.21 0.66 -1.29
N LEU A 50 1.64 -0.46 -1.73
CA LEU A 50 1.20 -1.50 -0.84
C LEU A 50 2.40 -2.28 -0.29
N VAL A 51 2.59 -2.24 1.00
CA VAL A 51 3.69 -2.94 1.63
C VAL A 51 3.17 -4.03 2.58
N LYS A 52 3.62 -5.24 2.36
CA LYS A 52 3.20 -6.37 3.17
C LYS A 52 3.81 -6.30 4.57
N ASP A 53 3.26 -7.06 5.51
CA ASP A 53 3.83 -7.10 6.86
C ASP A 53 5.23 -7.66 6.77
N THR A 54 5.47 -8.39 5.68
CA THR A 54 6.76 -8.98 5.38
C THR A 54 7.40 -8.19 4.25
N GLU A 55 8.74 -8.12 4.23
CA GLU A 55 9.45 -7.36 3.19
C GLU A 55 9.00 -5.91 3.24
N GLU A 56 8.92 -5.37 4.44
CA GLU A 56 8.47 -4.00 4.65
C GLU A 56 9.60 -3.00 4.46
N GLU A 57 9.23 -1.80 4.03
CA GLU A 57 10.19 -0.74 3.79
C GLU A 57 10.38 0.09 5.06
N SER A 1 8.85 -3.56 -23.59
CA SER A 1 8.84 -3.30 -22.14
C SER A 1 10.27 -3.17 -21.61
N HIS A 2 10.46 -2.30 -20.63
CA HIS A 2 11.77 -2.07 -20.03
C HIS A 2 11.61 -1.52 -18.62
N HIS A 3 12.46 -1.98 -17.71
CA HIS A 3 12.45 -1.54 -16.31
C HIS A 3 11.20 -2.05 -15.58
N HIS A 4 11.40 -2.64 -14.41
CA HIS A 4 10.29 -3.16 -13.62
C HIS A 4 10.19 -2.44 -12.28
N HIS A 5 8.97 -2.20 -11.84
CA HIS A 5 8.72 -1.53 -10.57
C HIS A 5 9.14 -2.42 -9.40
N HIS A 6 9.67 -1.81 -8.36
CA HIS A 6 10.11 -2.56 -7.17
C HIS A 6 8.94 -3.33 -6.57
N HIS A 7 9.09 -4.64 -6.48
CA HIS A 7 8.05 -5.50 -5.94
C HIS A 7 8.59 -6.90 -5.69
N SER A 8 9.12 -7.12 -4.50
CA SER A 8 9.69 -8.42 -4.15
C SER A 8 8.58 -9.36 -3.69
N MET A 9 7.69 -8.86 -2.85
CA MET A 9 6.58 -9.65 -2.33
C MET A 9 5.25 -8.97 -2.66
N GLY A 10 4.20 -9.78 -2.87
CA GLY A 10 2.90 -9.22 -3.17
C GLY A 10 1.91 -10.27 -3.63
N ASN A 11 1.43 -11.08 -2.70
CA ASN A 11 0.46 -12.13 -3.01
C ASN A 11 -0.53 -12.23 -1.86
N SER A 12 -0.79 -13.45 -1.38
CA SER A 12 -1.70 -13.66 -0.26
C SER A 12 -0.95 -13.43 1.05
N SER A 13 0.15 -12.71 0.91
CA SER A 13 1.06 -12.33 1.99
C SER A 13 0.33 -11.91 3.27
N LYS A 14 0.94 -12.27 4.40
CA LYS A 14 0.40 -11.95 5.73
C LYS A 14 0.15 -10.45 5.86
N GLY A 15 -0.21 -10.00 7.06
CA GLY A 15 -0.56 -8.62 7.30
C GLY A 15 0.27 -7.60 6.52
N VAL A 16 -0.43 -6.92 5.61
CA VAL A 16 0.15 -5.90 4.78
C VAL A 16 -0.39 -4.55 5.21
N TYR A 17 0.20 -3.48 4.71
CA TYR A 17 -0.26 -2.15 5.06
C TYR A 17 0.17 -1.12 4.03
N TYR A 18 -0.71 -0.18 3.76
CA TYR A 18 -0.42 0.89 2.82
C TYR A 18 0.27 2.00 3.58
N ARG A 19 1.41 2.46 3.08
CA ARG A 19 2.16 3.50 3.77
C ARG A 19 2.22 4.77 2.94
N ASN A 20 2.36 5.89 3.62
CA ASN A 20 2.44 7.19 2.98
C ASN A 20 3.51 8.04 3.67
N GLU A 21 3.76 9.24 3.15
CA GLU A 21 4.78 10.14 3.69
C GLU A 21 4.57 10.48 5.18
N GLU A 22 3.32 10.37 5.65
CA GLU A 22 3.01 10.66 7.04
C GLU A 22 3.61 9.60 7.97
N GLY A 23 3.91 8.44 7.42
CA GLY A 23 4.49 7.36 8.20
C GLY A 23 3.45 6.46 8.83
N GLN A 24 2.18 6.67 8.47
CA GLN A 24 1.10 5.85 9.02
C GLN A 24 0.85 4.66 8.09
N THR A 25 0.05 3.71 8.55
CA THR A 25 -0.23 2.51 7.77
C THR A 25 -1.70 2.09 7.83
N TRP A 26 -2.17 1.45 6.75
CA TRP A 26 -3.54 0.97 6.66
C TRP A 26 -3.57 -0.50 6.26
N SER A 27 -4.32 -1.31 6.98
CA SER A 27 -4.40 -2.73 6.70
C SER A 27 -5.26 -3.02 5.46
N GLY A 28 -6.49 -2.51 5.46
CA GLY A 28 -7.38 -2.72 4.32
C GLY A 28 -8.83 -2.91 4.76
N VAL A 29 -9.01 -3.59 5.88
CA VAL A 29 -10.35 -3.84 6.40
C VAL A 29 -10.70 -2.75 7.40
N GLY A 30 -11.99 -2.38 7.46
CA GLY A 30 -12.43 -1.36 8.40
C GLY A 30 -12.07 0.04 7.96
N ARG A 31 -12.93 0.59 7.10
CA ARG A 31 -12.77 1.95 6.57
C ARG A 31 -11.37 2.17 6.03
N GLN A 32 -11.00 3.43 5.88
CA GLN A 32 -9.69 3.81 5.41
C GLN A 32 -9.30 5.11 6.11
N PRO A 33 -8.03 5.28 6.47
CA PRO A 33 -7.59 6.51 7.13
C PRO A 33 -7.68 7.70 6.19
N ARG A 34 -7.95 8.87 6.76
CA ARG A 34 -8.09 10.11 6.01
C ARG A 34 -6.98 10.35 4.98
N TRP A 35 -5.75 9.96 5.29
CA TRP A 35 -4.62 10.17 4.38
C TRP A 35 -4.59 9.17 3.23
N LEU A 36 -5.30 8.04 3.38
CA LEU A 36 -5.30 7.01 2.34
C LEU A 36 -5.96 7.50 1.07
N LYS A 37 -7.18 8.01 1.22
CA LYS A 37 -7.93 8.51 0.07
C LYS A 37 -7.19 9.65 -0.62
N GLU A 38 -6.49 10.47 0.16
CA GLU A 38 -5.74 11.60 -0.39
C GLU A 38 -4.67 11.10 -1.37
N ALA A 39 -3.99 10.03 -0.99
CA ALA A 39 -2.94 9.47 -1.82
C ALA A 39 -3.55 8.76 -3.04
N LEU A 40 -4.74 8.19 -2.84
CA LEU A 40 -5.44 7.49 -3.92
C LEU A 40 -5.91 8.46 -4.99
N LEU A 41 -6.52 9.57 -4.58
CA LEU A 41 -7.03 10.56 -5.52
C LEU A 41 -5.89 11.41 -6.09
N ASN A 42 -4.69 11.21 -5.56
CA ASN A 42 -3.51 11.95 -6.00
C ASN A 42 -3.10 11.60 -7.43
N GLY A 43 -3.69 10.53 -7.98
CA GLY A 43 -3.38 10.14 -9.33
C GLY A 43 -2.63 8.84 -9.42
N MET A 44 -2.65 8.06 -8.34
CA MET A 44 -1.97 6.78 -8.30
C MET A 44 -2.89 5.75 -7.66
N LYS A 45 -2.46 4.50 -7.64
CA LYS A 45 -3.27 3.44 -7.05
C LYS A 45 -2.68 3.06 -5.69
N LYS A 46 -3.51 2.50 -4.82
CA LYS A 46 -3.07 2.11 -3.49
C LYS A 46 -1.97 1.05 -3.58
N GLU A 47 -2.00 0.27 -4.64
CA GLU A 47 -1.02 -0.78 -4.86
C GLU A 47 0.38 -0.21 -5.05
N ASP A 48 0.46 1.03 -5.53
CA ASP A 48 1.75 1.69 -5.77
C ASP A 48 2.54 1.88 -4.48
N PHE A 49 1.84 2.08 -3.37
CA PHE A 49 2.48 2.26 -2.08
C PHE A 49 2.06 1.17 -1.11
N LEU A 50 1.82 -0.02 -1.65
CA LEU A 50 1.40 -1.16 -0.86
C LEU A 50 2.61 -1.91 -0.30
N VAL A 51 2.87 -1.74 0.98
CA VAL A 51 3.98 -2.43 1.61
C VAL A 51 3.43 -3.60 2.43
N LYS A 52 4.27 -4.55 2.74
CA LYS A 52 3.88 -5.73 3.48
C LYS A 52 4.69 -5.84 4.74
N ASP A 53 4.37 -6.82 5.59
CA ASP A 53 5.15 -7.07 6.80
C ASP A 53 6.62 -7.37 6.42
N THR A 54 6.82 -7.60 5.12
CA THR A 54 8.12 -7.84 4.53
C THR A 54 8.45 -6.70 3.57
N GLU A 55 9.74 -6.38 3.41
CA GLU A 55 10.22 -5.29 2.55
C GLU A 55 9.44 -4.00 2.81
N GLU A 56 9.33 -3.64 4.09
CA GLU A 56 8.61 -2.46 4.51
C GLU A 56 9.50 -1.23 4.45
N GLU A 57 8.88 -0.06 4.25
CA GLU A 57 9.61 1.20 4.17
C GLU A 57 10.04 1.64 5.56
N SER A 1 6.34 -8.52 -22.08
CA SER A 1 5.92 -9.30 -20.90
C SER A 1 6.01 -8.44 -19.64
N HIS A 2 4.95 -8.46 -18.83
CA HIS A 2 4.92 -7.68 -17.61
C HIS A 2 5.75 -8.37 -16.53
N HIS A 3 7.06 -8.18 -16.58
CA HIS A 3 7.95 -8.78 -15.60
C HIS A 3 8.30 -7.75 -14.54
N HIS A 4 7.76 -7.94 -13.34
CA HIS A 4 8.00 -7.05 -12.21
C HIS A 4 7.42 -7.66 -10.94
N HIS A 5 8.16 -7.58 -9.85
CA HIS A 5 7.70 -8.12 -8.57
C HIS A 5 6.51 -7.35 -8.06
N HIS A 6 6.72 -6.06 -7.78
CA HIS A 6 5.66 -5.16 -7.29
C HIS A 6 5.17 -5.57 -5.90
N HIS A 7 5.80 -6.62 -5.35
CA HIS A 7 5.46 -7.16 -4.02
C HIS A 7 3.96 -7.27 -3.81
N SER A 8 3.27 -7.87 -4.77
CA SER A 8 1.83 -8.02 -4.67
C SER A 8 1.47 -9.44 -4.25
N MET A 9 1.87 -10.42 -5.07
CA MET A 9 1.60 -11.85 -4.84
C MET A 9 0.12 -12.08 -4.49
N GLY A 10 -0.18 -13.24 -3.92
CA GLY A 10 -1.54 -13.56 -3.54
C GLY A 10 -1.62 -14.13 -2.15
N ASN A 11 -1.91 -13.28 -1.17
CA ASN A 11 -2.01 -13.72 0.21
C ASN A 11 -2.85 -12.75 1.03
N SER A 12 -4.08 -13.14 1.31
CA SER A 12 -4.98 -12.33 2.11
C SER A 12 -5.49 -13.14 3.30
N SER A 13 -4.88 -14.30 3.50
CA SER A 13 -5.24 -15.19 4.58
C SER A 13 -4.34 -14.97 5.79
N LYS A 14 -3.60 -13.86 5.76
CA LYS A 14 -2.69 -13.50 6.83
C LYS A 14 -2.60 -11.99 6.95
N GLY A 15 -1.75 -11.51 7.84
CA GLY A 15 -1.58 -10.09 8.04
C GLY A 15 -1.15 -9.36 6.79
N VAL A 16 -2.07 -8.59 6.23
CA VAL A 16 -1.83 -7.81 5.03
C VAL A 16 -2.19 -6.36 5.30
N TYR A 17 -1.27 -5.44 5.00
CA TYR A 17 -1.53 -4.03 5.24
C TYR A 17 -0.74 -3.15 4.29
N TYR A 18 -1.15 -1.90 4.20
CA TYR A 18 -0.49 -0.92 3.36
C TYR A 18 0.49 -0.11 4.20
N ARG A 19 1.66 0.19 3.66
CA ARG A 19 2.66 0.94 4.40
C ARG A 19 3.42 1.91 3.49
N ASN A 20 3.64 3.12 3.99
CA ASN A 20 4.37 4.14 3.24
C ASN A 20 5.59 4.58 4.04
N GLU A 21 6.30 5.57 3.53
CA GLU A 21 7.51 6.10 4.17
C GLU A 21 7.28 6.54 5.62
N GLU A 22 6.04 6.86 5.97
CA GLU A 22 5.71 7.29 7.33
C GLU A 22 5.80 6.12 8.31
N GLY A 23 5.82 4.90 7.79
CA GLY A 23 5.90 3.73 8.65
C GLY A 23 4.54 3.28 9.15
N GLN A 24 3.53 4.10 8.88
CA GLN A 24 2.16 3.79 9.29
C GLN A 24 1.59 2.66 8.44
N THR A 25 0.75 1.82 9.05
CA THR A 25 0.16 0.69 8.36
C THR A 25 -1.37 0.71 8.39
N TRP A 26 -1.99 0.18 7.35
CA TRP A 26 -3.44 0.11 7.25
C TRP A 26 -3.87 -1.29 6.82
N SER A 27 -4.77 -1.91 7.58
CA SER A 27 -5.23 -3.26 7.29
C SER A 27 -6.04 -3.30 6.00
N GLY A 28 -6.50 -2.14 5.53
CA GLY A 28 -7.26 -2.08 4.30
C GLY A 28 -8.72 -2.40 4.51
N VAL A 29 -9.23 -2.13 5.71
CA VAL A 29 -10.62 -2.40 6.03
C VAL A 29 -11.21 -1.26 6.84
N GLY A 30 -12.53 -1.23 6.94
CA GLY A 30 -13.23 -0.21 7.70
C GLY A 30 -12.90 1.19 7.26
N ARG A 31 -12.41 2.00 8.20
CA ARG A 31 -12.05 3.38 7.92
C ARG A 31 -10.65 3.48 7.34
N GLN A 32 -10.41 4.53 6.56
CA GLN A 32 -9.12 4.75 5.95
C GLN A 32 -8.37 5.86 6.67
N PRO A 33 -7.05 5.73 6.80
CA PRO A 33 -6.21 6.72 7.46
C PRO A 33 -5.83 7.87 6.54
N ARG A 34 -5.52 9.01 7.14
CA ARG A 34 -5.14 10.23 6.41
C ARG A 34 -4.04 10.01 5.37
N TRP A 35 -2.97 9.32 5.76
CA TRP A 35 -1.84 9.10 4.85
C TRP A 35 -2.21 8.27 3.62
N LEU A 36 -3.30 7.51 3.69
CA LEU A 36 -3.71 6.69 2.56
C LEU A 36 -4.09 7.61 1.40
N LYS A 37 -4.78 8.69 1.71
CA LYS A 37 -5.20 9.66 0.71
C LYS A 37 -3.98 10.35 0.10
N GLU A 38 -3.06 10.75 0.96
CA GLU A 38 -1.84 11.45 0.54
C GLU A 38 -1.01 10.56 -0.39
N ALA A 39 -0.84 9.30 0.01
CA ALA A 39 -0.06 8.35 -0.76
C ALA A 39 -0.78 8.01 -2.07
N LEU A 40 -2.11 8.10 -2.06
CA LEU A 40 -2.90 7.79 -3.24
C LEU A 40 -2.80 8.91 -4.28
N LEU A 41 -2.93 10.16 -3.83
CA LEU A 41 -2.85 11.29 -4.75
C LEU A 41 -1.42 11.52 -5.20
N ASN A 42 -0.49 10.79 -4.60
CA ASN A 42 0.93 10.87 -4.95
C ASN A 42 1.17 10.44 -6.39
N GLY A 43 0.23 9.66 -6.92
CA GLY A 43 0.36 9.18 -8.29
C GLY A 43 0.56 7.69 -8.37
N MET A 44 0.58 7.05 -7.22
CA MET A 44 0.75 5.60 -7.16
C MET A 44 -0.44 4.97 -6.47
N LYS A 45 -0.82 3.78 -6.91
CA LYS A 45 -1.94 3.07 -6.32
C LYS A 45 -1.54 2.53 -4.96
N LYS A 46 -2.52 2.25 -4.12
CA LYS A 46 -2.26 1.74 -2.78
C LYS A 46 -1.56 0.38 -2.84
N GLU A 47 -1.88 -0.39 -3.86
CA GLU A 47 -1.29 -1.72 -4.06
C GLU A 47 0.22 -1.62 -4.27
N ASP A 48 0.67 -0.47 -4.80
CA ASP A 48 2.09 -0.25 -5.07
C ASP A 48 2.92 -0.32 -3.80
N PHE A 49 2.32 0.01 -2.65
CA PHE A 49 3.04 -0.03 -1.38
C PHE A 49 2.40 -1.03 -0.42
N LEU A 50 1.94 -2.14 -0.98
CA LEU A 50 1.30 -3.19 -0.21
C LEU A 50 2.34 -4.12 0.41
N VAL A 51 2.26 -4.31 1.72
CA VAL A 51 3.19 -5.19 2.41
C VAL A 51 2.42 -6.20 3.25
N LYS A 52 2.91 -7.42 3.32
CA LYS A 52 2.24 -8.47 4.06
C LYS A 52 3.21 -9.13 5.03
N ASP A 53 2.68 -10.02 5.87
CA ASP A 53 3.49 -10.77 6.82
C ASP A 53 4.51 -11.60 6.05
N THR A 54 4.16 -11.93 4.82
CA THR A 54 5.01 -12.69 3.94
C THR A 54 5.70 -11.71 2.98
N GLU A 55 6.95 -12.00 2.62
CA GLU A 55 7.76 -11.16 1.71
C GLU A 55 7.73 -9.69 2.14
N GLU A 56 7.89 -9.46 3.44
CA GLU A 56 7.87 -8.12 4.00
C GLU A 56 9.23 -7.47 3.89
N GLU A 57 9.24 -6.14 3.80
CA GLU A 57 10.48 -5.39 3.72
C GLU A 57 10.56 -4.42 4.89
N SER A 1 6.87 -6.38 -23.15
CA SER A 1 7.02 -5.52 -21.96
C SER A 1 8.49 -5.39 -21.57
N HIS A 2 8.78 -4.43 -20.69
CA HIS A 2 10.14 -4.21 -20.22
C HIS A 2 10.11 -3.66 -18.80
N HIS A 3 10.98 -4.21 -17.96
CA HIS A 3 11.09 -3.82 -16.55
C HIS A 3 9.84 -4.21 -15.75
N HIS A 4 9.98 -5.23 -14.92
CA HIS A 4 8.88 -5.71 -14.09
C HIS A 4 8.76 -4.82 -12.86
N HIS A 5 7.53 -4.62 -12.39
CA HIS A 5 7.30 -3.80 -11.20
C HIS A 5 7.80 -4.53 -9.96
N HIS A 6 8.45 -3.79 -9.08
CA HIS A 6 8.99 -4.35 -7.84
C HIS A 6 7.87 -4.89 -6.95
N HIS A 7 7.77 -6.21 -6.87
CA HIS A 7 6.73 -6.85 -6.07
C HIS A 7 7.03 -8.34 -5.91
N SER A 8 7.77 -8.69 -4.88
CA SER A 8 8.13 -10.08 -4.62
C SER A 8 6.91 -10.90 -4.19
N MET A 9 6.30 -10.51 -3.08
CA MET A 9 5.12 -11.20 -2.56
C MET A 9 3.88 -10.32 -2.70
N GLY A 10 2.76 -10.94 -3.08
CA GLY A 10 1.51 -10.22 -3.23
C GLY A 10 0.39 -11.14 -3.68
N ASN A 11 -0.46 -11.53 -2.74
CA ASN A 11 -1.56 -12.45 -3.02
C ASN A 11 -2.58 -12.40 -1.87
N SER A 12 -3.10 -13.56 -1.49
CA SER A 12 -4.05 -13.65 -0.37
C SER A 12 -3.31 -13.65 0.96
N SER A 13 -2.09 -13.12 0.90
CA SER A 13 -1.19 -12.96 2.04
C SER A 13 -1.90 -12.47 3.29
N LYS A 14 -1.46 -12.98 4.44
CA LYS A 14 -2.00 -12.60 5.76
C LYS A 14 -1.93 -11.08 5.96
N GLY A 15 -2.25 -10.62 7.17
CA GLY A 15 -2.30 -9.19 7.45
C GLY A 15 -1.24 -8.35 6.75
N VAL A 16 -1.72 -7.55 5.81
CA VAL A 16 -0.89 -6.65 5.03
C VAL A 16 -1.23 -5.23 5.42
N TYR A 17 -0.48 -4.27 4.91
CA TYR A 17 -0.75 -2.88 5.21
C TYR A 17 -0.18 -1.94 4.16
N TYR A 18 -0.89 -0.86 3.90
CA TYR A 18 -0.45 0.14 2.95
C TYR A 18 0.41 1.16 3.70
N ARG A 19 1.54 1.52 3.12
CA ARG A 19 2.45 2.48 3.77
C ARG A 19 2.58 3.75 2.96
N ASN A 20 2.73 4.87 3.66
CA ASN A 20 2.88 6.16 3.02
C ASN A 20 3.99 6.95 3.70
N GLU A 21 4.23 8.18 3.25
CA GLU A 21 5.28 9.04 3.79
C GLU A 21 5.12 9.32 5.29
N GLU A 22 3.88 9.27 5.78
CA GLU A 22 3.61 9.52 7.20
C GLU A 22 4.10 8.37 8.07
N GLY A 23 4.43 7.24 7.43
CA GLY A 23 4.91 6.09 8.18
C GLY A 23 3.80 5.20 8.67
N GLN A 24 2.58 5.71 8.68
CA GLN A 24 1.42 4.96 9.14
C GLN A 24 1.09 3.81 8.18
N THR A 25 0.44 2.78 8.71
CA THR A 25 0.09 1.61 7.93
C THR A 25 -1.40 1.25 8.07
N TRP A 26 -2.03 0.89 6.96
CA TRP A 26 -3.45 0.53 6.95
C TRP A 26 -3.63 -0.92 6.49
N SER A 27 -4.31 -1.72 7.30
CA SER A 27 -4.52 -3.13 7.00
C SER A 27 -5.30 -3.35 5.70
N GLY A 28 -6.20 -2.42 5.37
CA GLY A 28 -7.00 -2.56 4.16
C GLY A 28 -8.44 -2.91 4.45
N VAL A 29 -8.79 -2.88 5.72
CA VAL A 29 -10.15 -3.19 6.17
C VAL A 29 -10.59 -2.14 7.18
N GLY A 30 -11.89 -1.87 7.25
CA GLY A 30 -12.38 -0.89 8.21
C GLY A 30 -11.98 0.52 7.88
N ARG A 31 -12.79 1.16 7.05
CA ARG A 31 -12.57 2.55 6.63
C ARG A 31 -11.16 2.75 6.08
N GLN A 32 -10.74 4.00 5.99
CA GLN A 32 -9.41 4.32 5.50
C GLN A 32 -8.87 5.50 6.28
N PRO A 33 -7.57 5.50 6.60
CA PRO A 33 -6.95 6.61 7.31
C PRO A 33 -6.87 7.87 6.47
N ARG A 34 -6.63 9.00 7.13
CA ARG A 34 -6.58 10.29 6.45
C ARG A 34 -5.53 10.34 5.33
N TRP A 35 -4.44 9.61 5.48
CA TRP A 35 -3.35 9.63 4.49
C TRP A 35 -3.61 8.72 3.29
N LEU A 36 -4.56 7.80 3.42
CA LEU A 36 -4.85 6.87 2.34
C LEU A 36 -5.42 7.62 1.13
N LYS A 37 -6.35 8.53 1.38
CA LYS A 37 -6.97 9.30 0.33
C LYS A 37 -5.95 10.23 -0.34
N GLU A 38 -4.99 10.72 0.45
CA GLU A 38 -3.97 11.64 -0.05
C GLU A 38 -3.10 10.94 -1.09
N ALA A 39 -2.70 9.71 -0.77
CA ALA A 39 -1.87 8.93 -1.68
C ALA A 39 -2.67 8.54 -2.93
N LEU A 40 -3.96 8.34 -2.73
CA LEU A 40 -4.85 7.96 -3.83
C LEU A 40 -5.02 9.14 -4.80
N LEU A 41 -5.26 10.33 -4.25
CA LEU A 41 -5.44 11.52 -5.06
C LEU A 41 -4.11 12.00 -5.66
N ASN A 42 -3.03 11.36 -5.24
CA ASN A 42 -1.70 11.73 -5.71
C ASN A 42 -1.43 11.18 -7.11
N GLY A 43 -2.44 10.57 -7.72
CA GLY A 43 -2.28 10.04 -9.07
C GLY A 43 -1.79 8.61 -9.11
N MET A 44 -1.98 7.88 -8.03
CA MET A 44 -1.54 6.50 -7.97
C MET A 44 -2.55 5.63 -7.21
N LYS A 45 -2.47 4.33 -7.44
CA LYS A 45 -3.36 3.38 -6.78
C LYS A 45 -2.75 2.89 -5.47
N LYS A 46 -3.59 2.50 -4.52
CA LYS A 46 -3.11 2.03 -3.23
C LYS A 46 -2.26 0.76 -3.36
N GLU A 47 -2.56 -0.03 -4.39
CA GLU A 47 -1.86 -1.29 -4.63
C GLU A 47 -0.35 -1.07 -4.87
N ASP A 48 0.02 0.10 -5.37
CA ASP A 48 1.43 0.39 -5.65
C ASP A 48 2.28 0.36 -4.38
N PHE A 49 1.75 0.90 -3.30
CA PHE A 49 2.48 0.93 -2.03
C PHE A 49 1.91 -0.09 -1.04
N LEU A 50 1.51 -1.24 -1.58
CA LEU A 50 0.94 -2.30 -0.77
C LEU A 50 2.03 -3.24 -0.26
N VAL A 51 2.26 -3.20 1.04
CA VAL A 51 3.25 -4.08 1.64
C VAL A 51 2.53 -5.08 2.55
N LYS A 52 3.20 -6.18 2.85
CA LYS A 52 2.61 -7.23 3.67
C LYS A 52 3.30 -7.29 5.01
N ASP A 53 2.79 -8.13 5.94
CA ASP A 53 3.44 -8.31 7.23
C ASP A 53 4.89 -8.74 7.02
N THR A 54 5.14 -9.32 5.86
CA THR A 54 6.47 -9.72 5.46
C THR A 54 6.90 -8.84 4.28
N GLU A 55 8.19 -8.56 4.18
CA GLU A 55 8.74 -7.71 3.11
C GLU A 55 8.29 -6.26 3.28
N GLU A 56 8.18 -5.81 4.53
CA GLU A 56 7.76 -4.45 4.82
C GLU A 56 8.94 -3.50 4.77
N GLU A 57 8.66 -2.26 4.44
CA GLU A 57 9.69 -1.23 4.33
C GLU A 57 9.64 -0.29 5.53
N SER A 1 7.92 -3.33 -23.55
CA SER A 1 8.02 -3.25 -22.07
C SER A 1 9.47 -2.97 -21.67
N HIS A 2 9.64 -2.12 -20.67
CA HIS A 2 10.96 -1.78 -20.18
C HIS A 2 10.92 -1.51 -18.67
N HIS A 3 11.71 -2.28 -17.93
CA HIS A 3 11.78 -2.16 -16.47
C HIS A 3 10.46 -2.59 -15.82
N HIS A 4 10.48 -2.82 -14.52
CA HIS A 4 9.28 -3.22 -13.81
C HIS A 4 9.28 -2.65 -12.40
N HIS A 5 8.11 -2.23 -11.94
CA HIS A 5 7.96 -1.67 -10.60
C HIS A 5 8.38 -2.70 -9.55
N HIS A 6 9.18 -2.25 -8.59
CA HIS A 6 9.69 -3.13 -7.53
C HIS A 6 8.56 -3.83 -6.80
N HIS A 7 8.41 -5.11 -7.10
CA HIS A 7 7.41 -5.95 -6.48
C HIS A 7 8.04 -7.32 -6.28
N SER A 8 8.71 -7.48 -5.16
CA SER A 8 9.41 -8.72 -4.84
C SER A 8 8.48 -9.93 -4.85
N MET A 9 7.27 -9.78 -4.33
CA MET A 9 6.33 -10.89 -4.30
C MET A 9 4.91 -10.44 -4.01
N GLY A 10 3.95 -11.10 -4.64
CA GLY A 10 2.55 -10.80 -4.38
C GLY A 10 2.19 -11.32 -3.01
N ASN A 11 1.15 -10.80 -2.39
CA ASN A 11 0.85 -11.26 -1.04
C ASN A 11 -0.63 -11.45 -0.75
N SER A 12 -1.04 -12.71 -0.70
CA SER A 12 -2.39 -13.08 -0.28
C SER A 12 -2.29 -13.24 1.23
N SER A 13 -1.03 -13.21 1.63
CA SER A 13 -0.51 -13.28 2.98
C SER A 13 -1.25 -12.37 3.95
N LYS A 14 -1.21 -12.76 5.22
CA LYS A 14 -1.86 -12.03 6.31
C LYS A 14 -1.57 -10.52 6.27
N GLY A 15 -1.99 -9.83 7.34
CA GLY A 15 -1.92 -8.38 7.42
C GLY A 15 -0.75 -7.69 6.72
N VAL A 16 -1.14 -6.85 5.78
CA VAL A 16 -0.21 -6.06 5.02
C VAL A 16 -0.28 -4.63 5.55
N TYR A 17 0.49 -3.72 4.99
CA TYR A 17 0.48 -2.36 5.49
C TYR A 17 0.64 -1.34 4.37
N TYR A 18 -0.33 -0.45 4.24
CA TYR A 18 -0.24 0.60 3.25
C TYR A 18 0.50 1.76 3.92
N ARG A 19 1.62 2.17 3.35
CA ARG A 19 2.41 3.23 3.95
C ARG A 19 2.40 4.48 3.09
N ASN A 20 2.52 5.63 3.74
CA ASN A 20 2.55 6.91 3.06
C ASN A 20 3.66 7.77 3.64
N GLU A 21 3.87 8.95 3.06
CA GLU A 21 4.91 9.88 3.49
C GLU A 21 4.81 10.27 4.98
N GLU A 22 3.61 10.18 5.56
CA GLU A 22 3.44 10.52 6.97
C GLU A 22 3.94 9.40 7.88
N GLY A 23 4.20 8.24 7.31
CA GLY A 23 4.70 7.11 8.10
C GLY A 23 3.60 6.30 8.74
N GLN A 24 2.36 6.61 8.42
CA GLN A 24 1.22 5.88 8.99
C GLN A 24 0.94 4.65 8.13
N THR A 25 0.30 3.64 8.72
CA THR A 25 0.01 2.40 8.00
C THR A 25 -1.47 1.99 8.11
N TRP A 26 -1.97 1.36 7.05
CA TRP A 26 -3.36 0.89 7.00
C TRP A 26 -3.39 -0.59 6.61
N SER A 27 -4.32 -1.35 7.17
CA SER A 27 -4.42 -2.77 6.86
C SER A 27 -5.24 -3.02 5.59
N GLY A 28 -6.45 -2.48 5.54
CA GLY A 28 -7.29 -2.67 4.36
C GLY A 28 -8.73 -2.96 4.71
N VAL A 29 -8.97 -3.37 5.94
CA VAL A 29 -10.32 -3.67 6.41
C VAL A 29 -10.77 -2.57 7.34
N GLY A 30 -12.10 -2.34 7.43
CA GLY A 30 -12.64 -1.31 8.31
C GLY A 30 -12.23 0.07 7.95
N ARG A 31 -13.00 0.70 7.05
CA ARG A 31 -12.75 2.07 6.60
C ARG A 31 -11.27 2.33 6.31
N GLN A 32 -10.88 3.59 6.25
CA GLN A 32 -9.50 3.95 5.96
C GLN A 32 -9.13 5.27 6.61
N PRO A 33 -7.85 5.48 6.92
CA PRO A 33 -7.39 6.72 7.52
C PRO A 33 -7.40 7.84 6.48
N ARG A 34 -7.52 9.08 6.95
CA ARG A 34 -7.58 10.23 6.06
C ARG A 34 -6.40 10.33 5.09
N TRP A 35 -5.23 9.83 5.48
CA TRP A 35 -4.05 9.92 4.62
C TRP A 35 -4.13 8.99 3.41
N LEU A 36 -5.02 8.00 3.46
CA LEU A 36 -5.18 7.07 2.35
C LEU A 36 -5.78 7.77 1.15
N LYS A 37 -6.76 8.62 1.40
CA LYS A 37 -7.43 9.36 0.33
C LYS A 37 -6.47 10.31 -0.38
N GLU A 38 -5.55 10.89 0.37
CA GLU A 38 -4.57 11.83 -0.19
C GLU A 38 -3.73 11.16 -1.26
N ALA A 39 -3.21 9.99 -0.93
CA ALA A 39 -2.37 9.25 -1.86
C ALA A 39 -3.20 8.70 -3.02
N LEU A 40 -4.46 8.37 -2.75
CA LEU A 40 -5.34 7.85 -3.78
C LEU A 40 -5.70 8.94 -4.80
N LEU A 41 -6.08 10.11 -4.31
CA LEU A 41 -6.45 11.21 -5.19
C LEU A 41 -5.21 11.86 -5.80
N ASN A 42 -4.04 11.44 -5.34
CA ASN A 42 -2.77 11.95 -5.83
C ASN A 42 -2.55 11.55 -7.29
N GLY A 43 -3.30 10.56 -7.74
CA GLY A 43 -3.17 10.10 -9.11
C GLY A 43 -2.61 8.70 -9.20
N MET A 44 -2.43 8.06 -8.06
CA MET A 44 -1.89 6.71 -8.02
C MET A 44 -2.85 5.79 -7.28
N LYS A 45 -2.54 4.51 -7.30
CA LYS A 45 -3.37 3.53 -6.62
C LYS A 45 -2.75 3.17 -5.28
N LYS A 46 -3.57 2.66 -4.37
CA LYS A 46 -3.09 2.26 -3.05
C LYS A 46 -2.10 1.10 -3.16
N GLU A 47 -2.28 0.30 -4.21
CA GLU A 47 -1.42 -0.85 -4.46
C GLU A 47 0.02 -0.41 -4.74
N ASP A 48 0.18 0.81 -5.27
CA ASP A 48 1.49 1.35 -5.60
C ASP A 48 2.42 1.33 -4.38
N PHE A 49 1.85 1.59 -3.21
CA PHE A 49 2.61 1.61 -1.97
C PHE A 49 2.14 0.49 -1.04
N LEU A 50 1.87 -0.66 -1.64
CA LEU A 50 1.40 -1.81 -0.89
C LEU A 50 2.54 -2.53 -0.15
N VAL A 51 2.75 -2.16 1.10
CA VAL A 51 3.77 -2.79 1.92
C VAL A 51 3.13 -3.99 2.63
N LYS A 52 3.93 -4.93 3.11
CA LYS A 52 3.37 -6.12 3.76
C LYS A 52 4.08 -6.38 5.08
N ASP A 53 3.52 -7.28 5.92
CA ASP A 53 4.18 -7.64 7.18
C ASP A 53 5.64 -8.03 6.91
N THR A 54 5.86 -8.61 5.74
CA THR A 54 7.19 -8.98 5.28
C THR A 54 7.67 -7.94 4.28
N GLU A 55 8.94 -7.53 4.39
CA GLU A 55 9.52 -6.50 3.52
C GLU A 55 8.89 -5.15 3.83
N GLU A 56 9.44 -4.50 4.84
CA GLU A 56 8.96 -3.21 5.32
C GLU A 56 9.56 -2.06 4.50
N GLU A 57 8.84 -0.96 4.45
CA GLU A 57 9.29 0.21 3.72
C GLU A 57 10.14 1.10 4.62
#